data_1AI5
#
_entry.id   1AI5
#
_cell.length_a   52.120
_cell.length_b   65.080
_cell.length_c   76.300
_cell.angle_alpha   100.20
_cell.angle_beta   111.44
_cell.angle_gamma   105.81
#
_symmetry.space_group_name_H-M   'P 1'
#
loop_
_entity.id
_entity.type
_entity.pdbx_description
1 polymer 'PENICILLIN AMIDOHYDROLASE'
2 polymer 'PENICILLIN AMIDOHYDROLASE'
3 non-polymer 'CALCIUM ION'
4 non-polymer '2-(3-NITROPHENYL)ACETIC ACID'
5 water water
#
loop_
_entity_poly.entity_id
_entity_poly.type
_entity_poly.pdbx_seq_one_letter_code
_entity_poly.pdbx_strand_id
1 'polypeptide(L)'
;EQSSSEIKIVRDEYGMPHIYANDTWHLFYGYGYVVAQDRLFQMEMARRSTQGTVAEVLGKDFVKFDKDIRRNYWPDAIRA
QIAALSPEDMSILQGYADGMNAWIDKVNTNPETLLPKQFNTFGFTPKRWEPFDVAMIFVGTMANRFSDSTSEIDNLALLT
ALKDKYGVSQGMAVFNQLKWLVNPSAPTTIAVQESNYPLKFNQQNSQTA
;
A
2 'polypeptide(L)'
;SNMWVIGKSKAQDAKAIMVNGPQFGWYAPAYTYGIGLHGAGYDVTGNTPFAYPGLVFGHNGVISWGSTAGFGDDVDIFAE
RLSAEKPGYYLHNGKWVKMLSREETITVKNGQAETFTVWRTVHGNILQTDQTTQTAYAKSRAWDGKEVASLLAWTHQMKA
KNWQQWTQQAAKQALTINWYYADVNGNIGYVHTGAYPDRQSGHDPRLPVPGTGKWDWKGLLPFEMNPKVYNPQSGYIANW
NNSPQKDYPASDLFAFLWGGADRVTEIDRLLEQKPRLTADQAWDVIRQTSRQDLNLRLFLPTLQAATSGLTQSDPRRQLV
ETLTRWDGINLLNDDGKTWQQPGSAILNVWLTSMLKRTVVAAVPMPFDKWYSASGYETTQDGPTGSLNISVGAKILYEAV
QGDKSPIPQAVDLFAGKPQQEVVLAALEDTWETLSKRYGNNVSNWKTPAMALTFRANNFFGVPQAAAEETRHQAEYQNRG
TENDMIVFSPTTSDRPVLAWDVVAPGQSGFIAPDGTVDKHYEDQLKMYENFGRKSLWLTKQDVEAHKESQEVLHVQR
;
B
#
loop_
_chem_comp.id
_chem_comp.type
_chem_comp.name
_chem_comp.formula
CA non-polymer 'CALCIUM ION' 'Ca 2'
MNP non-polymer '2-(3-NITROPHENYL)ACETIC ACID' 'C8 H7 N O4'
#
# COMPACT_ATOMS: atom_id res chain seq x y z
N SER A 3 -37.24 -18.54 1.82
CA SER A 3 -37.38 -17.82 0.53
C SER A 3 -36.08 -17.53 -0.21
N SER A 4 -36.10 -17.87 -1.50
CA SER A 4 -35.03 -17.55 -2.43
C SER A 4 -35.07 -16.10 -2.89
N SER A 5 -36.17 -15.37 -2.71
CA SER A 5 -36.27 -14.02 -3.19
C SER A 5 -35.96 -13.01 -2.08
N GLU A 6 -35.85 -13.48 -0.87
CA GLU A 6 -35.64 -12.61 0.28
C GLU A 6 -34.19 -12.27 0.58
N ILE A 7 -33.95 -10.99 0.81
CA ILE A 7 -32.63 -10.59 1.36
C ILE A 7 -32.84 -9.89 2.70
N LYS A 8 -32.27 -10.35 3.75
CA LYS A 8 -32.43 -9.68 5.04
C LYS A 8 -31.13 -8.91 5.38
N ILE A 9 -31.23 -7.64 5.65
CA ILE A 9 -30.14 -6.75 6.07
C ILE A 9 -30.28 -6.31 7.55
N VAL A 10 -29.37 -6.69 8.40
CA VAL A 10 -29.31 -6.35 9.82
C VAL A 10 -28.11 -5.44 10.06
N ARG A 11 -28.36 -4.28 10.68
CA ARG A 11 -27.21 -3.38 10.98
C ARG A 11 -26.86 -3.43 12.46
N ASP A 12 -25.53 -3.41 12.77
CA ASP A 12 -25.24 -3.51 14.22
C ASP A 12 -25.20 -2.15 14.92
N GLU A 13 -24.74 -2.09 16.16
CA GLU A 13 -24.63 -0.82 16.87
C GLU A 13 -23.68 0.17 16.21
N TYR A 14 -22.80 -0.27 15.30
CA TYR A 14 -21.91 0.70 14.65
C TYR A 14 -22.37 0.88 13.22
N GLY A 15 -23.55 0.35 12.90
CA GLY A 15 -24.14 0.68 11.58
C GLY A 15 -23.58 -0.33 10.57
N MET A 16 -22.81 -1.33 11.03
CA MET A 16 -22.27 -2.30 10.05
C MET A 16 -23.35 -3.29 9.60
N PRO A 17 -23.54 -3.41 8.31
CA PRO A 17 -24.50 -4.29 7.70
C PRO A 17 -24.05 -5.73 7.64
N HIS A 18 -24.96 -6.65 7.86
CA HIS A 18 -24.85 -8.08 7.70
C HIS A 18 -25.93 -8.55 6.71
N ILE A 19 -25.53 -9.32 5.71
CA ILE A 19 -26.43 -9.70 4.61
C ILE A 19 -26.71 -11.19 4.69
N TYR A 20 -28.03 -11.47 4.62
CA TYR A 20 -28.51 -12.84 4.73
C TYR A 20 -29.31 -13.06 3.44
N ALA A 21 -28.89 -14.02 2.64
CA ALA A 21 -29.51 -14.32 1.37
C ALA A 21 -29.16 -15.77 1.04
N ASN A 22 -29.82 -16.35 0.05
CA ASN A 22 -29.61 -17.77 -0.19
C ASN A 22 -28.90 -18.07 -1.51
N ASP A 23 -28.73 -17.09 -2.37
CA ASP A 23 -27.97 -17.44 -3.55
C ASP A 23 -26.98 -16.28 -3.77
N THR A 24 -26.06 -16.52 -4.68
CA THR A 24 -24.99 -15.57 -4.92
C THR A 24 -25.54 -14.22 -5.32
N TRP A 25 -26.35 -14.24 -6.36
CA TRP A 25 -26.92 -13.01 -6.87
C TRP A 25 -27.66 -12.22 -5.81
N HIS A 26 -28.45 -12.84 -4.94
CA HIS A 26 -29.13 -12.06 -3.90
C HIS A 26 -28.14 -11.54 -2.84
N LEU A 27 -27.17 -12.35 -2.44
CA LEU A 27 -26.14 -12.00 -1.48
C LEU A 27 -25.37 -10.75 -1.90
N PHE A 28 -24.85 -10.73 -3.12
CA PHE A 28 -24.12 -9.55 -3.58
C PHE A 28 -25.01 -8.40 -3.95
N TYR A 29 -26.30 -8.72 -4.22
CA TYR A 29 -27.26 -7.60 -4.42
C TYR A 29 -27.46 -6.89 -3.09
N GLY A 30 -27.58 -7.60 -1.98
CA GLY A 30 -27.65 -6.98 -0.66
C GLY A 30 -26.46 -6.09 -0.32
N TYR A 31 -25.25 -6.58 -0.65
CA TYR A 31 -23.99 -5.86 -0.42
C TYR A 31 -24.00 -4.55 -1.15
N GLY A 32 -24.27 -4.61 -2.45
CA GLY A 32 -24.34 -3.44 -3.34
C GLY A 32 -25.28 -2.38 -2.80
N TYR A 33 -26.45 -2.82 -2.38
CA TYR A 33 -27.54 -1.97 -1.87
C TYR A 33 -27.15 -1.22 -0.59
N VAL A 34 -26.52 -1.90 0.39
CA VAL A 34 -26.08 -1.16 1.57
C VAL A 34 -24.90 -0.24 1.24
N VAL A 35 -23.97 -0.62 0.36
CA VAL A 35 -22.93 0.32 -0.07
C VAL A 35 -23.53 1.60 -0.61
N ALA A 36 -24.51 1.46 -1.53
CA ALA A 36 -25.21 2.61 -2.10
C ALA A 36 -25.91 3.44 -0.99
N GLN A 37 -26.34 2.78 0.09
CA GLN A 37 -26.92 3.56 1.19
C GLN A 37 -25.87 4.37 1.95
N ASP A 38 -24.72 3.76 2.24
CA ASP A 38 -23.69 4.34 3.07
C ASP A 38 -22.67 5.21 2.38
N ARG A 39 -22.24 4.87 1.16
CA ARG A 39 -21.10 5.49 0.52
C ARG A 39 -21.35 5.87 -0.94
N LEU A 40 -22.53 6.35 -1.30
CA LEU A 40 -22.79 6.60 -2.72
C LEU A 40 -21.93 7.71 -3.30
N PHE A 41 -21.68 8.85 -2.67
CA PHE A 41 -20.83 9.86 -3.35
C PHE A 41 -19.37 9.39 -3.47
N GLN A 42 -18.85 8.73 -2.43
CA GLN A 42 -17.49 8.22 -2.42
C GLN A 42 -17.30 7.23 -3.57
N MET A 43 -18.30 6.34 -3.70
CA MET A 43 -18.30 5.33 -4.73
C MET A 43 -18.39 5.91 -6.13
N GLU A 44 -19.15 6.97 -6.28
CA GLU A 44 -19.30 7.60 -7.60
C GLU A 44 -18.01 8.35 -7.95
N MET A 45 -17.27 8.89 -6.95
CA MET A 45 -16.07 9.65 -7.33
C MET A 45 -14.94 8.65 -7.60
N ALA A 46 -15.02 7.52 -6.89
CA ALA A 46 -14.04 6.48 -7.12
C ALA A 46 -14.28 5.92 -8.53
N ARG A 47 -15.54 5.78 -8.93
CA ARG A 47 -15.84 5.26 -10.25
C ARG A 47 -15.31 6.24 -11.28
N ARG A 48 -15.46 7.52 -11.10
CA ARG A 48 -14.94 8.46 -12.10
C ARG A 48 -13.39 8.49 -12.08
N SER A 49 -12.82 8.26 -10.90
CA SER A 49 -11.37 8.36 -10.71
C SER A 49 -10.71 7.19 -11.44
N THR A 50 -11.33 6.03 -11.31
CA THR A 50 -10.76 4.83 -11.93
C THR A 50 -11.04 4.70 -13.41
N GLN A 51 -11.88 5.53 -14.02
CA GLN A 51 -12.16 5.44 -15.45
C GLN A 51 -11.69 6.71 -16.09
N GLY A 52 -11.32 7.75 -15.34
CA GLY A 52 -10.90 8.97 -15.98
C GLY A 52 -12.10 9.71 -16.56
N THR A 53 -13.13 9.95 -15.76
CA THR A 53 -14.26 10.78 -16.20
C THR A 53 -14.53 11.86 -15.16
N VAL A 54 -13.55 12.40 -14.47
CA VAL A 54 -13.66 13.44 -13.46
C VAL A 54 -13.89 14.82 -14.05
N ALA A 55 -13.24 15.16 -15.16
CA ALA A 55 -13.38 16.48 -15.74
C ALA A 55 -14.78 16.75 -16.27
N GLU A 56 -15.62 15.74 -16.53
CA GLU A 56 -16.99 15.97 -16.94
C GLU A 56 -17.80 16.62 -15.81
N VAL A 57 -17.53 16.34 -14.55
CA VAL A 57 -18.29 16.99 -13.49
C VAL A 57 -17.40 18.01 -12.80
N LEU A 58 -16.06 18.00 -12.88
CA LEU A 58 -15.27 18.97 -12.15
C LEU A 58 -14.44 19.89 -13.03
N GLY A 59 -14.37 19.68 -14.35
CA GLY A 59 -13.79 20.71 -15.17
C GLY A 59 -12.34 20.60 -15.53
N LYS A 60 -11.79 21.65 -16.11
CA LYS A 60 -10.48 21.78 -16.70
C LYS A 60 -9.32 21.38 -15.80
N ASP A 61 -9.36 21.60 -14.48
CA ASP A 61 -8.21 21.17 -13.70
C ASP A 61 -8.04 19.66 -13.71
N PHE A 62 -8.98 18.84 -14.17
CA PHE A 62 -8.81 17.39 -14.19
C PHE A 62 -8.59 16.75 -15.53
N VAL A 63 -8.42 17.49 -16.62
CA VAL A 63 -8.20 16.94 -17.95
C VAL A 63 -6.93 16.12 -17.99
N LYS A 64 -5.78 16.60 -17.46
CA LYS A 64 -4.54 15.82 -17.45
C LYS A 64 -4.69 14.50 -16.69
N PHE A 65 -5.32 14.62 -15.52
CA PHE A 65 -5.61 13.49 -14.67
C PHE A 65 -6.37 12.44 -15.47
N ASP A 66 -7.49 12.76 -16.09
CA ASP A 66 -8.29 11.83 -16.87
C ASP A 66 -7.47 11.27 -18.04
N LYS A 67 -6.70 12.06 -18.80
CA LYS A 67 -5.90 11.44 -19.85
C LYS A 67 -4.91 10.45 -19.25
N ASP A 68 -4.30 10.76 -18.10
CA ASP A 68 -3.32 9.83 -17.55
C ASP A 68 -3.96 8.50 -17.15
N ILE A 69 -5.17 8.60 -16.55
CA ILE A 69 -5.87 7.36 -16.20
C ILE A 69 -6.19 6.54 -17.44
N ARG A 70 -6.70 7.15 -18.48
CA ARG A 70 -7.09 6.40 -19.68
C ARG A 70 -5.94 5.76 -20.43
N ARG A 71 -4.79 6.43 -20.51
CA ARG A 71 -3.61 5.88 -21.14
C ARG A 71 -2.99 4.69 -20.39
N ASN A 72 -3.30 4.50 -19.11
CA ASN A 72 -2.73 3.40 -18.35
C ASN A 72 -3.50 2.09 -18.35
N TYR A 73 -4.56 1.91 -19.16
CA TYR A 73 -5.26 0.63 -19.14
C TYR A 73 -5.87 0.46 -20.52
N TRP A 74 -6.47 -0.66 -20.75
CA TRP A 74 -7.11 -1.07 -21.98
C TRP A 74 -8.46 -1.67 -21.67
N PRO A 75 -9.53 -0.89 -21.66
CA PRO A 75 -10.86 -1.30 -21.25
C PRO A 75 -11.41 -2.52 -21.96
N ASP A 76 -11.20 -2.75 -23.26
CA ASP A 76 -11.65 -3.92 -23.96
C ASP A 76 -11.06 -5.22 -23.41
N ALA A 77 -9.79 -5.13 -22.99
CA ALA A 77 -9.20 -6.29 -22.32
C ALA A 77 -9.94 -6.64 -21.04
N ILE A 78 -10.46 -5.66 -20.30
CA ILE A 78 -11.21 -5.94 -19.08
C ILE A 78 -12.58 -6.51 -19.43
N ARG A 79 -13.33 -5.90 -20.36
CA ARG A 79 -14.61 -6.46 -20.83
C ARG A 79 -14.54 -7.89 -21.35
N ALA A 80 -13.42 -8.24 -22.02
CA ALA A 80 -13.22 -9.60 -22.44
C ALA A 80 -13.02 -10.54 -21.26
N GLN A 81 -12.49 -10.04 -20.14
CA GLN A 81 -12.28 -10.96 -19.03
C GLN A 81 -13.65 -11.22 -18.40
N ILE A 82 -14.45 -10.17 -18.35
CA ILE A 82 -15.78 -10.27 -17.77
C ILE A 82 -16.63 -11.19 -18.64
N ALA A 83 -16.55 -11.11 -19.97
CA ALA A 83 -17.31 -11.99 -20.84
C ALA A 83 -16.89 -13.44 -20.77
N ALA A 84 -15.74 -13.81 -20.24
CA ALA A 84 -15.39 -15.20 -20.10
C ALA A 84 -15.80 -15.76 -18.74
N LEU A 85 -16.45 -14.99 -17.86
CA LEU A 85 -16.77 -15.60 -16.56
C LEU A 85 -17.85 -16.65 -16.68
N SER A 86 -17.83 -17.65 -15.82
CA SER A 86 -18.96 -18.56 -15.69
C SER A 86 -20.11 -17.79 -15.05
N PRO A 87 -21.30 -18.33 -15.16
CA PRO A 87 -22.51 -17.75 -14.60
C PRO A 87 -22.40 -17.52 -13.09
N GLU A 88 -21.85 -18.38 -12.29
CA GLU A 88 -21.72 -18.20 -10.85
C GLU A 88 -20.80 -17.01 -10.58
N ASP A 89 -19.64 -16.93 -11.27
CA ASP A 89 -18.78 -15.78 -11.04
C ASP A 89 -19.40 -14.48 -11.50
N MET A 90 -20.08 -14.47 -12.62
CA MET A 90 -20.70 -13.28 -13.18
C MET A 90 -21.79 -12.73 -12.27
N SER A 91 -22.55 -13.57 -11.58
CA SER A 91 -23.51 -13.23 -10.58
C SER A 91 -22.96 -12.34 -9.46
N ILE A 92 -21.74 -12.63 -8.96
CA ILE A 92 -21.16 -11.72 -7.98
C ILE A 92 -21.20 -10.27 -8.46
N LEU A 93 -20.65 -10.03 -9.64
CA LEU A 93 -20.50 -8.68 -10.16
C LEU A 93 -21.86 -8.13 -10.56
N GLN A 94 -22.73 -8.97 -11.10
CA GLN A 94 -24.00 -8.43 -11.62
C GLN A 94 -24.94 -8.17 -10.43
N GLY A 95 -24.91 -9.10 -9.50
CA GLY A 95 -25.70 -8.92 -8.29
C GLY A 95 -25.34 -7.55 -7.68
N TYR A 96 -24.04 -7.30 -7.49
CA TYR A 96 -23.58 -6.09 -6.80
C TYR A 96 -24.07 -4.90 -7.57
N ALA A 97 -23.84 -4.83 -8.89
CA ALA A 97 -24.34 -3.65 -9.63
C ALA A 97 -25.87 -3.47 -9.51
N ASP A 98 -26.63 -4.57 -9.69
CA ASP A 98 -28.09 -4.53 -9.53
C ASP A 98 -28.52 -3.99 -8.15
N GLY A 99 -27.93 -4.43 -7.05
CA GLY A 99 -28.23 -3.94 -5.72
C GLY A 99 -27.97 -2.43 -5.62
N MET A 100 -26.87 -1.94 -6.22
CA MET A 100 -26.57 -0.52 -6.13
C MET A 100 -27.65 0.23 -6.88
N ASN A 101 -27.99 -0.28 -8.05
CA ASN A 101 -28.97 0.36 -8.93
C ASN A 101 -30.33 0.46 -8.29
N ALA A 102 -30.77 -0.58 -7.59
CA ALA A 102 -32.04 -0.50 -6.86
C ALA A 102 -32.02 0.65 -5.86
N TRP A 103 -30.93 0.91 -5.14
CA TRP A 103 -30.93 2.07 -4.23
C TRP A 103 -30.78 3.34 -5.03
N ILE A 104 -30.01 3.36 -6.12
CA ILE A 104 -29.93 4.60 -6.91
C ILE A 104 -31.26 4.92 -7.55
N ASP A 105 -32.06 3.92 -7.96
CA ASP A 105 -33.42 4.19 -8.46
C ASP A 105 -34.24 4.90 -7.39
N LYS A 106 -34.33 4.43 -6.16
CA LYS A 106 -35.04 5.13 -5.10
C LYS A 106 -34.46 6.53 -4.89
N VAL A 107 -33.14 6.73 -4.87
CA VAL A 107 -32.57 8.05 -4.66
C VAL A 107 -32.98 9.00 -5.78
N ASN A 108 -32.86 8.59 -7.04
CA ASN A 108 -33.23 9.51 -8.11
C ASN A 108 -34.73 9.77 -8.20
N THR A 109 -35.55 8.99 -7.54
CA THR A 109 -37.00 9.13 -7.46
C THR A 109 -37.47 10.01 -6.34
N ASN A 110 -36.72 10.10 -5.25
CA ASN A 110 -37.04 10.89 -4.06
C ASN A 110 -35.86 11.70 -3.53
N PRO A 111 -35.33 12.59 -4.35
CA PRO A 111 -34.10 13.28 -4.08
C PRO A 111 -34.18 14.28 -2.96
N GLU A 112 -35.36 14.71 -2.57
CA GLU A 112 -35.52 15.70 -1.52
C GLU A 112 -35.07 15.17 -0.17
N THR A 113 -35.15 13.87 0.07
CA THR A 113 -34.71 13.30 1.33
C THR A 113 -33.58 12.28 1.18
N LEU A 114 -33.43 11.71 -0.02
CA LEU A 114 -32.43 10.66 -0.19
C LEU A 114 -31.17 11.02 -0.96
N LEU A 115 -31.07 12.17 -1.60
CA LEU A 115 -29.81 12.38 -2.36
C LEU A 115 -28.72 12.90 -1.46
N PRO A 116 -27.54 12.32 -1.44
CA PRO A 116 -26.43 12.75 -0.58
C PRO A 116 -26.14 14.20 -0.82
N LYS A 117 -26.03 15.01 0.22
CA LYS A 117 -25.78 16.44 -0.03
C LYS A 117 -24.72 16.80 -1.01
N GLN A 118 -23.56 16.12 -1.08
CA GLN A 118 -22.45 16.48 -1.97
C GLN A 118 -22.85 16.50 -3.43
N PHE A 119 -23.82 15.68 -3.86
CA PHE A 119 -24.32 15.70 -5.24
C PHE A 119 -24.91 17.05 -5.56
N ASN A 120 -25.63 17.63 -4.59
CA ASN A 120 -26.17 18.98 -4.77
C ASN A 120 -24.99 19.94 -4.82
N THR A 121 -24.09 19.84 -3.82
CA THR A 121 -22.92 20.70 -3.78
C THR A 121 -22.12 20.72 -5.05
N PHE A 122 -21.82 19.51 -5.57
CA PHE A 122 -21.02 19.48 -6.80
C PHE A 122 -21.86 19.52 -8.04
N GLY A 123 -23.18 19.61 -7.94
CA GLY A 123 -24.05 19.77 -9.07
C GLY A 123 -24.24 18.65 -10.03
N PHE A 124 -24.52 17.42 -9.67
CA PHE A 124 -24.66 16.34 -10.69
C PHE A 124 -25.33 15.19 -9.96
N THR A 125 -25.82 14.20 -10.67
CA THR A 125 -26.58 13.13 -9.94
C THR A 125 -26.02 11.77 -10.29
N PRO A 126 -26.23 10.78 -9.46
CA PRO A 126 -25.70 9.44 -9.68
C PRO A 126 -26.22 8.74 -10.92
N LYS A 127 -25.39 7.98 -11.61
CA LYS A 127 -25.91 7.16 -12.73
C LYS A 127 -25.85 5.71 -12.29
N ARG A 128 -26.31 4.80 -13.10
CA ARG A 128 -26.44 3.38 -12.82
C ARG A 128 -25.16 2.61 -13.16
N TRP A 129 -24.87 1.54 -12.45
CA TRP A 129 -23.62 0.83 -12.57
C TRP A 129 -23.82 -0.41 -13.45
N GLU A 130 -22.79 -0.94 -14.08
CA GLU A 130 -22.84 -2.30 -14.66
C GLU A 130 -21.66 -3.05 -14.05
N PRO A 131 -21.55 -4.33 -14.28
CA PRO A 131 -20.42 -5.11 -13.85
C PRO A 131 -19.06 -4.47 -14.14
N PHE A 132 -18.87 -3.81 -15.28
CA PHE A 132 -17.60 -3.29 -15.70
C PHE A 132 -17.16 -2.27 -14.64
N ASP A 133 -18.13 -1.45 -14.22
CA ASP A 133 -17.89 -0.45 -13.19
C ASP A 133 -17.46 -1.00 -11.83
N VAL A 134 -17.98 -2.15 -11.43
CA VAL A 134 -17.58 -2.76 -10.17
C VAL A 134 -16.16 -3.35 -10.31
N ALA A 135 -15.89 -4.04 -11.39
CA ALA A 135 -14.56 -4.57 -11.66
C ALA A 135 -13.57 -3.39 -11.68
N MET A 136 -13.87 -2.27 -12.32
CA MET A 136 -12.92 -1.15 -12.42
C MET A 136 -12.58 -0.45 -11.11
N ILE A 137 -13.40 -0.53 -10.07
CA ILE A 137 -13.12 -0.06 -8.73
C ILE A 137 -11.88 -0.82 -8.19
N PHE A 138 -11.95 -2.15 -8.27
CA PHE A 138 -10.77 -2.95 -7.91
C PHE A 138 -9.56 -2.82 -8.84
N VAL A 139 -9.66 -2.78 -10.17
CA VAL A 139 -8.52 -2.59 -11.05
C VAL A 139 -7.84 -1.23 -11.00
N GLY A 140 -8.64 -0.17 -10.96
CA GLY A 140 -8.07 1.16 -10.94
C GLY A 140 -7.34 1.45 -9.64
N THR A 141 -7.72 0.67 -8.64
CA THR A 141 -7.08 1.06 -7.37
C THR A 141 -6.31 -0.09 -6.85
N MET A 142 -5.73 -1.01 -7.52
CA MET A 142 -5.12 -2.09 -6.69
C MET A 142 -4.16 -2.78 -7.64
N ALA A 143 -4.69 -2.87 -8.86
CA ALA A 143 -3.84 -3.46 -9.89
C ALA A 143 -3.11 -2.27 -10.52
N ASN A 144 -3.95 -1.38 -11.02
CA ASN A 144 -3.55 -0.29 -11.88
C ASN A 144 -2.71 0.78 -11.18
N ARG A 145 -2.82 0.89 -9.87
CA ARG A 145 -1.73 1.54 -9.19
C ARG A 145 -1.23 1.05 -7.87
N PHE A 146 -1.64 -0.03 -7.26
CA PHE A 146 -0.86 -0.46 -6.11
C PHE A 146 0.00 -1.65 -6.56
N SER A 147 -0.14 -2.06 -7.83
CA SER A 147 0.68 -3.17 -8.27
C SER A 147 1.27 -2.79 -9.60
N ASP A 148 1.39 -1.50 -9.84
CA ASP A 148 1.99 -1.06 -11.10
C ASP A 148 3.22 -0.20 -10.92
N SER A 149 4.19 -0.52 -10.10
CA SER A 149 5.36 0.34 -9.87
C SER A 149 6.57 0.08 -10.72
N THR A 150 7.10 1.02 -11.46
CA THR A 150 8.36 0.80 -12.15
C THR A 150 9.02 2.17 -12.30
N SER A 151 10.32 2.26 -12.46
CA SER A 151 11.02 3.52 -12.71
C SER A 151 12.17 3.20 -13.67
N GLU A 152 11.97 2.17 -14.52
CA GLU A 152 13.02 1.64 -15.36
C GLU A 152 13.62 2.69 -16.28
N ILE A 153 12.80 3.58 -16.78
CA ILE A 153 13.24 4.62 -17.68
C ILE A 153 14.12 5.61 -16.92
N ASP A 154 13.74 6.05 -15.74
CA ASP A 154 14.53 6.92 -14.93
C ASP A 154 15.79 6.23 -14.42
N ASN A 155 15.73 4.96 -14.09
CA ASN A 155 16.94 4.26 -13.72
C ASN A 155 17.98 4.35 -14.87
N LEU A 156 17.55 4.23 -16.12
CA LEU A 156 18.44 4.20 -17.26
C LEU A 156 19.03 5.61 -17.43
N ALA A 157 18.23 6.63 -17.17
CA ALA A 157 18.78 7.98 -17.17
C ALA A 157 19.81 8.17 -16.06
N LEU A 158 19.62 7.62 -14.86
CA LEU A 158 20.64 7.75 -13.81
C LEU A 158 21.91 6.99 -14.24
N LEU A 159 21.77 5.78 -14.76
CA LEU A 159 22.86 4.92 -15.11
C LEU A 159 23.76 5.60 -16.15
N THR A 160 23.12 6.24 -17.12
CA THR A 160 23.82 6.93 -18.19
C THR A 160 24.59 8.11 -17.62
N ALA A 161 23.97 8.88 -16.73
CA ALA A 161 24.64 9.96 -16.03
C ALA A 161 25.77 9.48 -15.12
N LEU A 162 25.74 8.30 -14.53
CA LEU A 162 26.87 7.83 -13.74
C LEU A 162 28.01 7.32 -14.63
N LYS A 163 27.70 6.94 -15.86
CA LYS A 163 28.64 6.41 -16.82
C LYS A 163 29.49 7.55 -17.34
N ASP A 164 28.86 8.69 -17.55
CA ASP A 164 29.52 9.89 -18.00
C ASP A 164 30.45 10.40 -16.89
N LYS A 165 29.99 10.42 -15.65
CA LYS A 165 30.83 10.84 -14.56
C LYS A 165 31.99 9.90 -14.27
N TYR A 166 31.78 8.59 -14.13
CA TYR A 166 32.81 7.72 -13.63
C TYR A 166 33.34 6.75 -14.67
N GLY A 167 32.91 6.93 -15.91
CA GLY A 167 33.34 6.00 -16.97
C GLY A 167 32.40 4.79 -16.96
N VAL A 168 32.39 4.07 -18.05
CA VAL A 168 31.59 2.88 -18.26
C VAL A 168 31.67 1.78 -17.22
N SER A 169 32.75 1.19 -16.79
CA SER A 169 32.66 0.10 -15.82
C SER A 169 32.32 0.56 -14.40
N GLN A 170 32.77 1.76 -14.09
CA GLN A 170 32.71 2.37 -12.78
C GLN A 170 31.32 2.93 -12.55
N GLY A 171 30.73 3.44 -13.59
CA GLY A 171 29.36 3.97 -13.57
C GLY A 171 28.35 2.87 -13.24
N MET A 172 28.55 1.65 -13.70
CA MET A 172 27.76 0.50 -13.42
C MET A 172 27.94 0.01 -12.00
N ALA A 173 29.18 0.08 -11.50
CA ALA A 173 29.36 -0.45 -10.12
C ALA A 173 28.75 0.58 -9.16
N VAL A 174 28.71 1.86 -9.44
CA VAL A 174 28.12 2.82 -8.52
C VAL A 174 26.58 2.68 -8.53
N PHE A 175 25.97 2.47 -9.68
CA PHE A 175 24.60 2.13 -9.87
C PHE A 175 24.20 0.93 -9.02
N ASN A 176 25.10 -0.06 -8.95
CA ASN A 176 24.80 -1.21 -8.08
C ASN A 176 24.96 -0.88 -6.61
N GLN A 177 25.65 0.27 -6.38
CA GLN A 177 25.85 0.67 -4.99
C GLN A 177 24.60 1.39 -4.48
N LEU A 178 24.00 2.15 -5.38
CA LEU A 178 22.83 2.96 -5.08
C LEU A 178 21.48 2.28 -5.21
N LYS A 179 21.34 1.33 -6.12
CA LYS A 179 20.17 0.57 -6.49
C LYS A 179 20.58 -0.89 -6.67
N TRP A 180 20.96 -1.52 -5.57
CA TRP A 180 21.40 -2.90 -5.68
C TRP A 180 20.19 -3.76 -6.11
N LEU A 181 20.42 -4.89 -6.73
CA LEU A 181 19.39 -5.84 -7.11
C LEU A 181 18.95 -6.58 -5.86
N VAL A 182 19.83 -7.15 -5.08
CA VAL A 182 19.55 -7.78 -3.82
C VAL A 182 20.60 -7.40 -2.76
N ASN A 183 20.26 -7.47 -1.50
CA ASN A 183 21.17 -7.17 -0.41
C ASN A 183 20.94 -8.29 0.57
N PRO A 184 21.91 -9.17 0.76
CA PRO A 184 21.81 -10.35 1.60
C PRO A 184 21.60 -10.00 3.06
N SER A 185 21.91 -8.77 3.54
CA SER A 185 21.60 -8.55 4.94
C SER A 185 20.17 -8.00 5.16
N ALA A 186 19.28 -7.88 4.17
CA ALA A 186 17.93 -7.38 4.48
C ALA A 186 17.14 -8.29 5.37
N PRO A 187 16.52 -7.77 6.41
CA PRO A 187 15.61 -8.48 7.32
C PRO A 187 14.44 -9.05 6.49
N THR A 188 14.19 -10.34 6.58
CA THR A 188 13.20 -10.99 5.73
C THR A 188 12.04 -11.50 6.57
N THR A 189 10.83 -11.57 6.04
CA THR A 189 9.71 -12.19 6.76
C THR A 189 9.91 -13.69 6.90
N ILE A 190 10.51 -14.40 5.94
CA ILE A 190 10.80 -15.83 6.09
C ILE A 190 12.28 -16.00 6.49
N ALA A 191 12.64 -16.62 7.56
CA ALA A 191 13.94 -16.92 8.08
C ALA A 191 14.69 -17.80 7.10
N VAL A 192 15.99 -17.64 7.02
CA VAL A 192 16.85 -18.38 6.09
C VAL A 192 16.83 -19.86 6.41
N GLN A 193 16.65 -20.28 7.66
CA GLN A 193 16.52 -21.72 7.90
C GLN A 193 15.32 -22.35 7.17
N GLU A 194 14.31 -21.62 6.74
CA GLU A 194 13.14 -22.21 6.11
C GLU A 194 13.37 -22.25 4.61
N SER A 195 13.80 -21.18 3.96
CA SER A 195 14.05 -21.27 2.54
C SER A 195 14.67 -20.01 1.97
N ASN A 196 15.23 -20.02 0.78
CA ASN A 196 15.72 -18.80 0.13
C ASN A 196 15.18 -18.87 -1.31
N TYR A 197 15.24 -17.76 -1.99
CA TYR A 197 14.73 -17.67 -3.34
C TYR A 197 15.82 -18.25 -4.24
N PRO A 198 15.38 -19.12 -5.13
CA PRO A 198 16.26 -19.88 -5.98
C PRO A 198 16.79 -19.16 -7.20
N LEU A 199 16.18 -18.11 -7.70
CA LEU A 199 16.69 -17.48 -8.90
C LEU A 199 17.83 -16.50 -8.67
N LYS A 200 18.71 -16.39 -9.65
CA LYS A 200 19.78 -15.41 -9.62
C LYS A 200 19.61 -14.58 -10.89
N PHE A 201 19.89 -13.30 -10.77
CA PHE A 201 19.61 -12.38 -11.88
C PHE A 201 20.86 -11.68 -12.39
N ASN A 202 20.85 -11.31 -13.67
CA ASN A 202 21.92 -10.48 -14.21
C ASN A 202 21.91 -9.09 -13.55
N GLN A 203 23.06 -8.53 -13.18
CA GLN A 203 23.08 -7.17 -12.65
C GLN A 203 24.15 -6.33 -13.33
N GLN A 204 24.20 -6.45 -14.64
CA GLN A 204 25.20 -5.79 -15.45
C GLN A 204 24.57 -5.05 -16.62
N ASN A 205 23.23 -5.09 -16.62
CA ASN A 205 22.54 -4.55 -17.79
C ASN A 205 23.00 -5.28 -19.05
N SER A 206 23.06 -6.62 -18.98
CA SER A 206 23.53 -7.42 -20.11
C SER A 206 22.75 -7.34 -21.41
N GLN A 207 21.53 -6.81 -21.39
CA GLN A 207 20.67 -6.56 -22.51
C GLN A 207 21.14 -5.44 -23.42
N THR A 208 22.18 -4.67 -23.16
CA THR A 208 22.62 -3.65 -24.12
C THR A 208 23.89 -4.10 -24.86
N SER B 1 2.57 -0.79 5.38
CA SER B 1 1.41 -1.57 5.87
C SER B 1 2.09 -2.63 6.73
N ASN B 2 1.63 -2.82 7.96
CA ASN B 2 2.30 -3.90 8.70
C ASN B 2 1.28 -4.97 9.12
N MET B 3 1.76 -6.06 9.68
CA MET B 3 1.05 -7.24 10.03
C MET B 3 1.96 -8.03 10.95
N TRP B 4 1.41 -8.61 12.01
CA TRP B 4 2.12 -9.57 12.80
C TRP B 4 1.15 -10.73 13.05
N VAL B 5 1.57 -11.96 12.74
CA VAL B 5 0.73 -13.12 13.03
C VAL B 5 1.48 -13.97 14.08
N ILE B 6 0.87 -14.32 15.18
CA ILE B 6 1.42 -15.05 16.29
C ILE B 6 0.73 -16.43 16.41
N GLY B 7 1.53 -17.47 16.22
CA GLY B 7 0.99 -18.82 16.31
C GLY B 7 0.93 -19.44 17.69
N LYS B 8 0.57 -20.73 17.70
CA LYS B 8 0.43 -21.58 18.85
C LYS B 8 1.53 -21.44 19.88
N SER B 9 2.78 -21.54 19.45
CA SER B 9 3.93 -21.51 20.35
C SER B 9 4.31 -20.14 20.87
N LYS B 10 3.73 -19.05 20.37
CA LYS B 10 4.04 -17.73 20.89
C LYS B 10 2.82 -17.05 21.52
N ALA B 11 1.64 -17.65 21.35
CA ALA B 11 0.41 -17.06 21.82
C ALA B 11 0.12 -17.41 23.28
N GLN B 12 -0.38 -16.47 24.06
CA GLN B 12 -0.76 -16.73 25.43
C GLN B 12 -2.28 -16.56 25.51
N ASP B 13 -3.02 -17.53 26.01
CA ASP B 13 -4.45 -17.49 26.19
C ASP B 13 -5.21 -17.54 24.87
N ALA B 14 -4.60 -18.11 23.84
CA ALA B 14 -5.23 -18.29 22.54
C ALA B 14 -4.32 -19.19 21.74
N LYS B 15 -4.79 -19.62 20.57
CA LYS B 15 -3.97 -20.48 19.72
C LYS B 15 -3.35 -19.63 18.61
N ALA B 16 -4.01 -18.50 18.28
CA ALA B 16 -3.46 -17.69 17.19
C ALA B 16 -4.02 -16.29 17.22
N ILE B 17 -3.16 -15.33 16.96
CA ILE B 17 -3.52 -13.90 16.96
C ILE B 17 -2.97 -13.20 15.72
N MET B 18 -3.83 -12.50 14.99
CA MET B 18 -3.44 -11.84 13.76
C MET B 18 -3.78 -10.36 13.92
N VAL B 19 -2.83 -9.47 13.71
CA VAL B 19 -3.05 -8.03 13.84
C VAL B 19 -2.56 -7.39 12.53
N ASN B 20 -3.39 -6.63 11.84
CA ASN B 20 -3.13 -6.10 10.54
C ASN B 20 -3.30 -4.58 10.49
N GLY B 21 -2.39 -3.82 9.86
CA GLY B 21 -2.44 -2.39 9.78
C GLY B 21 -2.12 -1.91 8.37
N PRO B 22 -3.07 -2.06 7.46
CA PRO B 22 -2.91 -1.73 6.05
C PRO B 22 -2.66 -0.22 6.02
N GLN B 23 -1.67 0.28 5.32
CA GLN B 23 -1.44 1.72 5.39
C GLN B 23 -1.65 2.37 4.03
N PHE B 24 -2.80 3.03 3.83
CA PHE B 24 -3.06 3.57 2.49
C PHE B 24 -3.09 5.05 2.59
N GLY B 25 -2.94 5.66 3.78
CA GLY B 25 -3.23 7.11 3.93
C GLY B 25 -4.54 7.17 4.76
N TRP B 26 -5.02 8.33 5.13
CA TRP B 26 -6.20 8.60 5.91
C TRP B 26 -7.21 9.56 5.26
N TYR B 27 -8.46 9.16 5.13
CA TYR B 27 -9.50 9.72 4.33
C TYR B 27 -10.86 9.90 5.01
N ALA B 28 -11.70 10.78 4.46
CA ALA B 28 -13.05 10.96 4.97
C ALA B 28 -13.90 11.02 3.72
N PRO B 29 -14.86 10.13 3.57
CA PRO B 29 -15.14 9.02 4.45
C PRO B 29 -14.04 7.95 4.31
N ALA B 30 -14.07 7.00 5.20
CA ALA B 30 -13.14 5.95 5.43
C ALA B 30 -12.83 5.19 4.14
N TYR B 31 -11.54 4.80 4.15
CA TYR B 31 -10.96 4.08 3.05
C TYR B 31 -11.67 2.75 2.92
N THR B 32 -11.95 2.08 4.04
CA THR B 32 -12.47 0.71 3.97
C THR B 32 -13.95 0.74 4.42
N TYR B 33 -14.61 -0.37 4.19
CA TYR B 33 -16.05 -0.49 4.39
C TYR B 33 -16.43 -1.75 5.13
N GLY B 34 -17.03 -1.75 6.30
CA GLY B 34 -17.34 -2.95 7.08
C GLY B 34 -18.59 -3.68 6.58
N ILE B 35 -18.60 -5.02 6.54
CA ILE B 35 -19.58 -5.81 5.85
C ILE B 35 -19.54 -7.28 6.29
N GLY B 36 -20.68 -7.85 6.62
CA GLY B 36 -20.80 -9.28 7.00
C GLY B 36 -21.68 -9.93 5.93
N LEU B 37 -21.32 -11.13 5.46
CA LEU B 37 -21.95 -11.83 4.36
C LEU B 37 -22.22 -13.28 4.77
N HIS B 38 -23.54 -13.59 4.76
CA HIS B 38 -24.04 -14.83 5.35
C HIS B 38 -25.02 -15.52 4.41
N GLY B 39 -24.54 -16.43 3.60
CA GLY B 39 -25.31 -17.10 2.56
C GLY B 39 -24.45 -17.53 1.39
N ALA B 40 -25.03 -18.42 0.57
CA ALA B 40 -24.45 -18.98 -0.63
C ALA B 40 -23.08 -19.58 -0.39
N GLY B 41 -22.79 -20.29 0.68
CA GLY B 41 -21.46 -20.77 0.97
C GLY B 41 -20.57 -19.80 1.69
N TYR B 42 -20.90 -18.53 1.84
CA TYR B 42 -20.16 -17.53 2.59
C TYR B 42 -20.68 -17.30 4.01
N ASP B 43 -19.77 -17.16 4.97
CA ASP B 43 -20.07 -16.78 6.33
C ASP B 43 -18.96 -15.92 6.91
N VAL B 44 -18.91 -14.66 6.55
CA VAL B 44 -17.75 -13.81 6.78
C VAL B 44 -18.09 -12.46 7.45
N THR B 45 -17.01 -11.91 8.05
CA THR B 45 -17.10 -10.59 8.72
C THR B 45 -15.78 -9.85 8.67
N GLY B 46 -15.81 -8.54 8.43
CA GLY B 46 -14.55 -7.77 8.36
C GLY B 46 -14.73 -6.46 7.65
N ASN B 47 -13.66 -5.92 7.06
CA ASN B 47 -13.78 -4.65 6.33
C ASN B 47 -12.85 -4.72 5.14
N THR B 48 -13.03 -3.98 4.07
CA THR B 48 -12.33 -4.05 2.82
C THR B 48 -12.38 -2.68 2.14
N PRO B 49 -11.28 -2.32 1.49
CA PRO B 49 -11.18 -1.10 0.73
C PRO B 49 -12.23 -0.93 -0.34
N PHE B 50 -12.85 0.25 -0.49
CA PHE B 50 -13.78 0.58 -1.54
C PHE B 50 -14.89 -0.47 -1.67
N ALA B 51 -15.28 -1.19 -0.61
CA ALA B 51 -16.29 -2.20 -0.54
C ALA B 51 -16.17 -3.20 -1.70
N TYR B 52 -14.96 -3.65 -2.03
CA TYR B 52 -14.78 -4.68 -3.04
C TYR B 52 -15.70 -5.84 -2.66
N PRO B 53 -16.14 -6.60 -3.64
CA PRO B 53 -16.82 -7.89 -3.42
C PRO B 53 -16.02 -8.78 -2.48
N GLY B 54 -14.71 -8.94 -2.60
CA GLY B 54 -13.98 -9.77 -1.62
C GLY B 54 -13.37 -8.91 -0.49
N LEU B 55 -13.44 -9.42 0.72
CA LEU B 55 -12.94 -8.74 1.91
C LEU B 55 -11.43 -8.96 2.08
N VAL B 56 -10.67 -7.88 2.00
CA VAL B 56 -9.21 -8.00 2.21
C VAL B 56 -8.91 -8.25 3.66
N PHE B 57 -9.71 -7.82 4.67
CA PHE B 57 -9.37 -8.08 6.06
C PHE B 57 -10.50 -8.71 6.83
N GLY B 58 -10.44 -9.94 7.31
CA GLY B 58 -11.61 -10.46 8.05
C GLY B 58 -11.45 -11.96 8.33
N HIS B 59 -12.52 -12.67 8.66
CA HIS B 59 -12.39 -14.07 9.01
C HIS B 59 -13.73 -14.80 8.78
N ASN B 60 -13.73 -16.12 8.73
CA ASN B 60 -14.95 -16.82 8.40
C ASN B 60 -15.31 -17.74 9.55
N GLY B 61 -14.71 -17.51 10.72
CA GLY B 61 -14.92 -18.34 11.86
C GLY B 61 -13.97 -19.52 11.93
N VAL B 62 -13.29 -19.91 10.87
CA VAL B 62 -12.38 -21.05 10.89
C VAL B 62 -10.94 -20.56 10.60
N ILE B 63 -10.83 -19.77 9.53
CA ILE B 63 -9.57 -19.12 9.18
C ILE B 63 -9.67 -17.61 9.16
N SER B 64 -8.55 -16.91 9.30
CA SER B 64 -8.51 -15.46 9.14
C SER B 64 -7.41 -15.05 8.15
N TRP B 65 -7.57 -13.90 7.52
CA TRP B 65 -6.69 -13.45 6.45
C TRP B 65 -6.39 -11.94 6.52
N GLY B 66 -5.33 -11.49 5.88
CA GLY B 66 -4.89 -10.10 5.87
C GLY B 66 -3.81 -9.95 4.79
N SER B 67 -3.46 -8.70 4.48
CA SER B 67 -2.55 -8.36 3.39
C SER B 67 -1.58 -7.23 3.74
N THR B 68 -0.44 -7.14 3.06
CA THR B 68 0.43 -5.98 3.02
C THR B 68 0.91 -5.87 1.58
N ALA B 69 1.48 -4.78 1.14
CA ALA B 69 1.95 -4.57 -0.23
C ALA B 69 3.14 -5.45 -0.57
N GLY B 70 3.27 -6.19 -1.69
CA GLY B 70 4.38 -7.06 -1.91
C GLY B 70 5.64 -6.38 -2.42
N PHE B 71 5.54 -5.40 -3.30
CA PHE B 71 6.65 -4.74 -3.91
C PHE B 71 7.66 -5.69 -4.55
N GLY B 72 7.18 -6.68 -5.27
CA GLY B 72 8.13 -7.52 -6.04
C GLY B 72 8.21 -6.81 -7.38
N ASP B 73 9.15 -7.23 -8.23
CA ASP B 73 9.24 -6.62 -9.56
C ASP B 73 8.37 -7.42 -10.54
N ASP B 74 7.24 -6.82 -10.95
CA ASP B 74 6.35 -7.57 -11.81
C ASP B 74 6.04 -6.79 -13.06
N VAL B 75 6.75 -5.69 -13.21
CA VAL B 75 6.59 -4.82 -14.36
C VAL B 75 7.97 -4.55 -14.99
N ASP B 76 8.10 -4.69 -16.32
CA ASP B 76 9.35 -4.35 -16.99
C ASP B 76 8.93 -3.49 -18.19
N ILE B 77 9.86 -2.70 -18.70
CA ILE B 77 9.55 -1.79 -19.81
C ILE B 77 10.24 -2.34 -21.07
N PHE B 78 9.55 -2.36 -22.21
CA PHE B 78 10.09 -2.82 -23.45
C PHE B 78 10.30 -1.68 -24.45
N ALA B 79 11.57 -1.62 -24.94
CA ALA B 79 11.95 -0.46 -25.79
C ALA B 79 11.57 -0.89 -27.22
N GLU B 80 10.48 -0.38 -27.75
CA GLU B 80 10.06 -0.83 -29.07
C GLU B 80 10.76 -0.02 -30.17
N ARG B 81 11.18 -0.75 -31.20
CA ARG B 81 11.78 -0.14 -32.39
C ARG B 81 10.78 0.36 -33.42
N LEU B 82 10.61 1.65 -33.58
CA LEU B 82 9.72 2.26 -34.54
C LEU B 82 10.41 2.52 -35.88
N SER B 83 9.66 3.03 -36.83
CA SER B 83 10.10 3.35 -38.17
C SER B 83 9.51 4.70 -38.61
N ALA B 84 10.36 5.62 -39.03
CA ALA B 84 9.97 6.93 -39.52
C ALA B 84 8.93 6.86 -40.63
N GLU B 85 9.06 5.90 -41.51
CA GLU B 85 8.17 5.59 -42.61
C GLU B 85 7.41 4.34 -42.15
N LYS B 86 6.12 4.17 -42.27
CA LYS B 86 5.42 2.99 -41.74
C LYS B 86 5.19 3.16 -40.24
N PRO B 87 4.59 4.28 -39.88
CA PRO B 87 4.27 4.67 -38.53
C PRO B 87 3.08 3.91 -37.98
N GLY B 88 3.10 3.56 -36.70
CA GLY B 88 2.02 2.80 -36.09
C GLY B 88 2.36 1.31 -36.12
N TYR B 89 3.62 1.04 -36.50
CA TYR B 89 4.16 -0.29 -36.65
C TYR B 89 5.38 -0.45 -35.77
N TYR B 90 5.75 -1.69 -35.45
CA TYR B 90 6.94 -1.82 -34.63
C TYR B 90 7.53 -3.17 -35.01
N LEU B 91 8.86 -3.23 -34.95
CA LEU B 91 9.56 -4.46 -35.29
C LEU B 91 9.40 -5.52 -34.24
N HIS B 92 8.98 -6.73 -34.60
CA HIS B 92 8.87 -7.78 -33.59
C HIS B 92 9.11 -9.10 -34.28
N ASN B 93 10.10 -9.83 -33.82
CA ASN B 93 10.49 -11.10 -34.39
C ASN B 93 10.54 -11.08 -35.91
N GLY B 94 11.29 -10.14 -36.46
CA GLY B 94 11.54 -10.02 -37.86
C GLY B 94 10.45 -9.53 -38.76
N LYS B 95 9.35 -8.95 -38.28
CA LYS B 95 8.30 -8.43 -39.15
C LYS B 95 7.85 -7.10 -38.58
N TRP B 96 7.23 -6.25 -39.38
CA TRP B 96 6.73 -4.97 -38.90
C TRP B 96 5.25 -5.14 -38.50
N VAL B 97 4.99 -5.32 -37.22
CA VAL B 97 3.66 -5.47 -36.66
C VAL B 97 2.96 -4.15 -36.36
N LYS B 98 1.64 -4.16 -36.62
CA LYS B 98 0.84 -2.98 -36.39
C LYS B 98 0.41 -2.94 -34.91
N MET B 99 0.34 -1.72 -34.41
CA MET B 99 -0.06 -1.47 -33.04
C MET B 99 -1.57 -1.53 -32.89
N LEU B 100 -2.12 -1.92 -31.76
CA LEU B 100 -3.50 -1.62 -31.40
C LEU B 100 -3.60 -0.13 -31.05
N SER B 101 -4.71 0.50 -31.36
CA SER B 101 -4.91 1.90 -30.97
C SER B 101 -6.36 2.17 -30.63
N ARG B 102 -6.70 3.19 -29.87
CA ARG B 102 -8.11 3.53 -29.59
C ARG B 102 -8.15 5.04 -29.41
N GLU B 103 -9.24 5.67 -29.79
CA GLU B 103 -9.41 7.09 -29.60
C GLU B 103 -10.24 7.41 -28.36
N GLU B 104 -9.91 8.47 -27.62
CA GLU B 104 -10.61 8.80 -26.41
C GLU B 104 -11.04 10.27 -26.45
N THR B 105 -12.26 10.53 -25.97
CA THR B 105 -12.69 11.93 -25.90
C THR B 105 -12.91 12.21 -24.42
N ILE B 106 -12.30 13.30 -23.95
CA ILE B 106 -12.46 13.68 -22.57
C ILE B 106 -13.51 14.79 -22.63
N THR B 107 -14.64 14.61 -21.97
CA THR B 107 -15.65 15.68 -21.93
C THR B 107 -15.30 16.50 -20.70
N VAL B 108 -15.36 17.81 -20.81
CA VAL B 108 -15.00 18.73 -19.75
C VAL B 108 -16.10 19.67 -19.35
N LYS B 109 -16.58 19.68 -18.13
CA LYS B 109 -17.60 20.60 -17.67
C LYS B 109 -17.14 22.03 -17.86
N ASN B 110 -17.86 22.92 -18.52
CA ASN B 110 -17.48 24.27 -18.86
C ASN B 110 -16.15 24.33 -19.57
N GLY B 111 -15.91 23.40 -20.51
CA GLY B 111 -14.76 23.52 -21.39
C GLY B 111 -15.05 22.90 -22.73
N GLN B 112 -14.04 22.86 -23.58
CA GLN B 112 -14.08 22.14 -24.84
C GLN B 112 -13.61 20.69 -24.66
N ALA B 113 -14.15 19.71 -25.36
CA ALA B 113 -13.72 18.33 -25.19
C ALA B 113 -12.35 18.14 -25.82
N GLU B 114 -11.61 17.16 -25.34
CA GLU B 114 -10.29 16.83 -25.82
C GLU B 114 -10.23 15.35 -26.20
N THR B 115 -9.63 15.13 -27.37
CA THR B 115 -9.48 13.77 -27.85
C THR B 115 -7.99 13.50 -28.12
N PHE B 116 -7.64 12.26 -27.81
CA PHE B 116 -6.26 11.78 -27.94
C PHE B 116 -6.36 10.29 -28.22
N THR B 117 -5.21 9.70 -28.55
CA THR B 117 -5.15 8.29 -28.88
C THR B 117 -4.25 7.50 -27.94
N VAL B 118 -4.66 6.27 -27.57
CA VAL B 118 -3.85 5.38 -26.76
C VAL B 118 -3.33 4.25 -27.63
N TRP B 119 -2.06 3.93 -27.55
CA TRP B 119 -1.38 2.94 -28.33
C TRP B 119 -0.91 1.77 -27.47
N ARG B 120 -0.97 0.58 -28.06
CA ARG B 120 -0.60 -0.67 -27.39
C ARG B 120 0.09 -1.66 -28.32
N THR B 121 1.12 -2.32 -27.82
CA THR B 121 1.84 -3.32 -28.63
C THR B 121 1.55 -4.64 -27.92
N VAL B 122 2.22 -5.69 -28.35
CA VAL B 122 2.17 -6.99 -27.70
C VAL B 122 2.73 -6.95 -26.29
N HIS B 123 3.58 -5.96 -25.97
CA HIS B 123 4.12 -5.81 -24.63
C HIS B 123 3.21 -5.04 -23.69
N GLY B 124 2.41 -4.11 -24.19
CA GLY B 124 1.48 -3.37 -23.34
C GLY B 124 1.29 -1.96 -23.87
N ASN B 125 0.57 -1.12 -23.15
CA ASN B 125 0.38 0.27 -23.55
C ASN B 125 1.74 0.99 -23.61
N ILE B 126 1.78 1.92 -24.55
CA ILE B 126 2.94 2.77 -24.74
C ILE B 126 2.92 3.93 -23.74
N LEU B 127 3.98 4.01 -22.94
CA LEU B 127 4.15 5.05 -21.95
C LEU B 127 4.59 6.37 -22.59
N GLN B 128 5.70 6.29 -23.30
CA GLN B 128 6.32 7.42 -23.94
C GLN B 128 7.09 6.94 -25.17
N THR B 129 7.37 7.90 -26.05
CA THR B 129 8.10 7.58 -27.27
C THR B 129 9.23 8.61 -27.43
N ASP B 130 10.29 8.15 -28.06
CA ASP B 130 11.43 9.02 -28.34
C ASP B 130 11.57 9.02 -29.86
N GLN B 131 11.04 10.07 -30.47
CA GLN B 131 11.06 10.23 -31.92
C GLN B 131 12.49 10.32 -32.43
N THR B 132 13.35 11.02 -31.70
CA THR B 132 14.74 11.09 -32.04
C THR B 132 15.38 9.71 -32.20
N THR B 133 15.19 8.80 -31.25
CA THR B 133 15.76 7.46 -31.43
C THR B 133 14.79 6.49 -32.10
N GLN B 134 13.56 6.93 -32.38
CA GLN B 134 12.50 6.09 -32.90
C GLN B 134 12.31 4.85 -32.01
N THR B 135 12.12 5.12 -30.75
CA THR B 135 11.89 4.19 -29.69
C THR B 135 10.60 4.58 -28.97
N ALA B 136 9.79 3.60 -28.64
CA ALA B 136 8.58 3.83 -27.87
C ALA B 136 8.66 2.89 -26.68
N TYR B 137 8.28 3.32 -25.49
CA TYR B 137 8.39 2.38 -24.37
C TYR B 137 7.03 1.78 -24.04
N ALA B 138 6.93 0.46 -23.99
CA ALA B 138 5.72 -0.21 -23.57
C ALA B 138 5.89 -0.75 -22.15
N LYS B 139 4.91 -0.47 -21.29
CA LYS B 139 4.97 -0.99 -19.92
C LYS B 139 4.37 -2.39 -19.92
N SER B 140 5.06 -3.44 -19.52
CA SER B 140 4.53 -4.77 -19.55
C SER B 140 4.39 -5.39 -18.17
N ARG B 141 3.14 -5.71 -17.80
CA ARG B 141 2.81 -6.17 -16.48
C ARG B 141 2.69 -7.68 -16.50
N ALA B 142 3.18 -8.39 -15.51
CA ALA B 142 3.03 -9.82 -15.49
C ALA B 142 1.57 -10.19 -15.24
N TRP B 143 0.71 -9.36 -14.65
CA TRP B 143 -0.63 -9.67 -14.29
C TRP B 143 -1.61 -9.27 -15.38
N ASP B 144 -1.15 -8.74 -16.48
CA ASP B 144 -2.01 -8.23 -17.54
C ASP B 144 -2.93 -9.35 -18.04
N GLY B 145 -4.25 -9.18 -18.04
CA GLY B 145 -5.08 -10.30 -18.47
C GLY B 145 -5.56 -11.09 -17.28
N LYS B 146 -5.26 -10.73 -16.03
CA LYS B 146 -5.68 -11.48 -14.87
C LYS B 146 -6.22 -10.57 -13.75
N GLU B 147 -6.54 -9.36 -14.06
CA GLU B 147 -7.13 -8.42 -13.10
C GLU B 147 -8.40 -9.02 -12.48
N VAL B 148 -9.32 -9.44 -13.32
CA VAL B 148 -10.63 -9.92 -12.85
C VAL B 148 -10.47 -11.19 -12.05
N ALA B 149 -9.59 -12.11 -12.46
CA ALA B 149 -9.36 -13.35 -11.72
C ALA B 149 -8.74 -13.05 -10.35
N SER B 150 -7.97 -11.96 -10.24
CA SER B 150 -7.40 -11.62 -8.94
C SER B 150 -8.48 -11.12 -7.99
N LEU B 151 -9.43 -10.34 -8.49
CA LEU B 151 -10.61 -9.86 -7.77
C LEU B 151 -11.43 -11.07 -7.25
N LEU B 152 -11.63 -12.03 -8.13
CA LEU B 152 -12.29 -13.28 -7.78
C LEU B 152 -11.52 -14.19 -6.86
N ALA B 153 -10.20 -14.30 -6.98
CA ALA B 153 -9.48 -15.12 -6.00
C ALA B 153 -9.65 -14.51 -4.60
N TRP B 154 -9.68 -13.16 -4.47
CA TRP B 154 -9.85 -12.53 -3.17
C TRP B 154 -11.28 -12.76 -2.58
N THR B 155 -12.23 -12.96 -3.49
CA THR B 155 -13.59 -13.33 -3.05
C THR B 155 -13.73 -14.79 -2.67
N HIS B 156 -13.29 -15.75 -3.47
CA HIS B 156 -13.36 -17.17 -3.19
C HIS B 156 -12.58 -17.63 -1.98
N GLN B 157 -11.44 -16.99 -1.71
CA GLN B 157 -10.60 -17.34 -0.55
C GLN B 157 -11.35 -17.18 0.76
N MET B 158 -12.37 -16.30 0.77
CA MET B 158 -13.18 -16.18 1.97
C MET B 158 -13.89 -17.49 2.30
N LYS B 159 -14.08 -18.42 1.39
CA LYS B 159 -14.67 -19.72 1.71
C LYS B 159 -13.74 -20.82 2.16
N ALA B 160 -12.44 -20.68 2.05
CA ALA B 160 -11.49 -21.73 2.42
C ALA B 160 -11.56 -22.05 3.92
N LYS B 161 -11.29 -23.29 4.25
CA LYS B 161 -11.37 -23.76 5.64
C LYS B 161 -10.03 -24.31 6.09
N ASN B 162 -9.06 -24.29 5.17
CA ASN B 162 -7.72 -24.70 5.56
C ASN B 162 -6.67 -24.12 4.63
N TRP B 163 -5.44 -24.51 4.94
CA TRP B 163 -4.27 -24.02 4.23
C TRP B 163 -4.27 -24.41 2.77
N GLN B 164 -4.52 -25.71 2.58
CA GLN B 164 -4.60 -26.28 1.23
C GLN B 164 -5.69 -25.63 0.42
N GLN B 165 -6.88 -25.38 0.99
CA GLN B 165 -7.88 -24.66 0.15
C GLN B 165 -7.45 -23.22 -0.07
N TRP B 166 -6.89 -22.63 1.00
CA TRP B 166 -6.56 -21.19 0.87
C TRP B 166 -5.43 -21.00 -0.13
N THR B 167 -4.43 -21.92 -0.15
CA THR B 167 -3.34 -21.66 -1.13
C THR B 167 -3.73 -21.86 -2.56
N GLN B 168 -4.79 -22.65 -2.80
CA GLN B 168 -5.32 -22.73 -4.16
C GLN B 168 -5.85 -21.39 -4.64
N GLN B 169 -6.37 -20.57 -3.71
CA GLN B 169 -6.89 -19.26 -4.15
C GLN B 169 -5.74 -18.24 -4.23
N ALA B 170 -4.73 -18.43 -3.37
CA ALA B 170 -3.58 -17.52 -3.40
C ALA B 170 -2.87 -17.70 -4.72
N ALA B 171 -2.86 -18.96 -5.24
CA ALA B 171 -2.17 -19.17 -6.53
C ALA B 171 -2.82 -18.46 -7.69
N LYS B 172 -4.04 -17.94 -7.58
CA LYS B 172 -4.72 -17.25 -8.64
C LYS B 172 -4.63 -15.75 -8.44
N GLN B 173 -4.20 -15.29 -7.27
CA GLN B 173 -4.14 -13.82 -7.12
C GLN B 173 -2.87 -13.32 -7.80
N ALA B 174 -2.94 -12.51 -8.82
CA ALA B 174 -1.81 -12.20 -9.64
C ALA B 174 -1.09 -10.89 -9.35
N LEU B 175 -1.55 -10.03 -8.44
CA LEU B 175 -0.90 -8.76 -8.16
C LEU B 175 0.19 -8.96 -7.10
N THR B 176 1.18 -8.03 -6.98
CA THR B 176 2.23 -8.31 -6.00
C THR B 176 1.78 -7.91 -4.59
N ILE B 177 1.26 -8.85 -3.80
CA ILE B 177 0.62 -8.68 -2.53
C ILE B 177 1.06 -9.79 -1.60
N ASN B 178 1.38 -9.40 -0.36
CA ASN B 178 1.61 -10.41 0.67
C ASN B 178 0.23 -10.85 1.21
N TRP B 179 0.00 -12.13 1.45
CA TRP B 179 -1.19 -12.70 2.02
C TRP B 179 -0.86 -13.48 3.28
N TYR B 180 -1.73 -13.39 4.29
CA TYR B 180 -1.45 -14.00 5.57
C TYR B 180 -2.64 -14.85 6.02
N TYR B 181 -2.36 -15.92 6.71
CA TYR B 181 -3.27 -16.94 7.12
C TYR B 181 -3.23 -17.16 8.61
N ALA B 182 -4.35 -17.37 9.29
CA ALA B 182 -4.31 -17.93 10.64
C ALA B 182 -5.52 -18.87 10.81
N ASP B 183 -5.53 -19.84 11.75
CA ASP B 183 -6.75 -20.67 11.83
C ASP B 183 -7.12 -21.08 13.24
N VAL B 184 -8.28 -21.72 13.44
CA VAL B 184 -8.75 -22.11 14.76
C VAL B 184 -7.85 -23.08 15.52
N ASN B 185 -7.04 -23.81 14.76
CA ASN B 185 -6.14 -24.77 15.35
C ASN B 185 -4.79 -24.13 15.67
N GLY B 186 -4.62 -22.83 15.41
CA GLY B 186 -3.34 -22.22 15.73
C GLY B 186 -2.31 -22.33 14.62
N ASN B 187 -2.65 -22.76 13.42
CA ASN B 187 -1.65 -22.75 12.35
C ASN B 187 -1.52 -21.32 11.82
N ILE B 188 -0.37 -20.92 11.28
CA ILE B 188 -0.22 -19.62 10.68
C ILE B 188 0.56 -19.78 9.38
N GLY B 189 0.42 -18.86 8.44
CA GLY B 189 1.04 -18.92 7.17
C GLY B 189 1.11 -17.62 6.40
N TYR B 190 2.03 -17.63 5.42
CA TYR B 190 2.28 -16.46 4.60
C TYR B 190 2.65 -16.86 3.19
N VAL B 191 2.14 -16.09 2.22
CA VAL B 191 2.46 -16.33 0.83
C VAL B 191 2.75 -14.93 0.24
N HIS B 192 3.87 -14.77 -0.47
CA HIS B 192 4.08 -13.54 -1.25
C HIS B 192 3.46 -13.88 -2.63
N THR B 193 2.20 -13.49 -2.78
CA THR B 193 1.47 -13.85 -3.99
C THR B 193 1.92 -13.07 -5.21
N GLY B 194 1.41 -13.43 -6.38
CA GLY B 194 1.42 -12.73 -7.61
C GLY B 194 2.11 -13.48 -8.76
N ALA B 195 1.96 -12.94 -9.95
CA ALA B 195 2.56 -13.46 -11.17
C ALA B 195 3.89 -12.70 -11.43
N TYR B 196 5.00 -13.41 -11.51
CA TYR B 196 6.33 -12.89 -11.80
C TYR B 196 6.82 -13.48 -13.09
N PRO B 197 7.44 -12.71 -13.95
CA PRO B 197 7.91 -13.10 -15.25
C PRO B 197 9.04 -14.11 -15.27
N ASP B 198 9.16 -14.96 -16.28
CA ASP B 198 10.27 -15.90 -16.36
C ASP B 198 11.23 -15.28 -17.38
N ARG B 199 12.25 -14.57 -16.86
CA ARG B 199 13.03 -13.74 -17.75
C ARG B 199 14.15 -14.52 -18.43
N GLN B 200 14.54 -14.07 -19.61
CA GLN B 200 15.65 -14.61 -20.36
C GLN B 200 16.96 -14.40 -19.58
N SER B 201 17.91 -15.31 -19.72
CA SER B 201 19.23 -15.09 -19.13
C SER B 201 19.88 -13.78 -19.54
N GLY B 202 20.37 -13.04 -18.54
CA GLY B 202 21.03 -11.76 -18.86
C GLY B 202 20.17 -10.51 -18.84
N HIS B 203 18.87 -10.72 -18.63
CA HIS B 203 17.91 -9.66 -18.41
C HIS B 203 18.15 -8.99 -17.06
N ASP B 204 18.56 -7.74 -16.98
CA ASP B 204 18.70 -7.03 -15.70
C ASP B 204 17.34 -6.33 -15.52
N PRO B 205 16.54 -6.73 -14.56
CA PRO B 205 15.18 -6.27 -14.42
C PRO B 205 15.06 -4.85 -13.93
N ARG B 206 16.18 -4.11 -13.69
CA ARG B 206 16.09 -2.75 -13.22
C ARG B 206 16.06 -1.74 -14.34
N LEU B 207 16.28 -2.21 -15.56
CA LEU B 207 16.39 -1.29 -16.71
C LEU B 207 15.64 -1.86 -17.91
N PRO B 208 15.35 -1.08 -18.91
CA PRO B 208 14.58 -1.47 -20.06
C PRO B 208 15.21 -2.53 -20.94
N VAL B 209 14.41 -3.27 -21.70
CA VAL B 209 14.92 -4.28 -22.61
C VAL B 209 14.31 -3.99 -23.99
N PRO B 210 15.09 -4.26 -25.02
CA PRO B 210 14.70 -4.08 -26.40
C PRO B 210 13.44 -4.92 -26.65
N GLY B 211 12.44 -4.41 -27.34
CA GLY B 211 11.21 -5.15 -27.56
C GLY B 211 11.17 -5.87 -28.90
N THR B 212 12.33 -6.03 -29.55
CA THR B 212 12.39 -6.61 -30.90
C THR B 212 12.21 -8.12 -30.88
N GLY B 213 12.19 -8.83 -29.76
CA GLY B 213 11.83 -10.22 -29.72
C GLY B 213 12.70 -11.15 -28.92
N LYS B 214 14.00 -10.89 -28.86
CA LYS B 214 14.93 -11.77 -28.17
C LYS B 214 14.85 -11.65 -26.67
N TRP B 215 14.40 -10.54 -26.15
CA TRP B 215 14.30 -10.31 -24.70
C TRP B 215 12.93 -10.61 -24.12
N ASP B 216 11.96 -11.02 -24.94
CA ASP B 216 10.63 -11.31 -24.48
C ASP B 216 10.66 -12.32 -23.34
N TRP B 217 9.80 -12.16 -22.35
CA TRP B 217 9.69 -13.11 -21.24
C TRP B 217 9.41 -14.48 -21.87
N LYS B 218 9.72 -15.50 -21.13
CA LYS B 218 9.49 -16.85 -21.63
C LYS B 218 8.11 -17.28 -21.18
N GLY B 219 7.57 -16.59 -20.18
CA GLY B 219 6.35 -17.05 -19.53
C GLY B 219 6.33 -16.49 -18.11
N LEU B 220 5.67 -17.16 -17.20
CA LEU B 220 5.49 -16.68 -15.84
C LEU B 220 6.05 -17.77 -14.95
N LEU B 221 6.64 -17.45 -13.82
CA LEU B 221 7.22 -18.51 -13.00
C LEU B 221 6.05 -19.24 -12.37
N PRO B 222 6.24 -20.46 -11.95
CA PRO B 222 5.19 -21.26 -11.33
C PRO B 222 4.98 -20.73 -9.93
N PHE B 223 3.85 -21.11 -9.32
CA PHE B 223 3.50 -20.78 -7.96
C PHE B 223 4.43 -21.42 -6.96
N GLU B 224 5.10 -22.52 -7.27
CA GLU B 224 6.04 -23.14 -6.36
C GLU B 224 7.18 -22.14 -6.09
N MET B 225 7.55 -21.25 -7.01
CA MET B 225 8.60 -20.28 -6.76
C MET B 225 8.18 -19.13 -5.84
N ASN B 226 6.87 -18.91 -5.61
CA ASN B 226 6.52 -17.76 -4.78
C ASN B 226 6.90 -18.02 -3.32
N PRO B 227 7.63 -17.10 -2.71
CA PRO B 227 8.05 -17.25 -1.32
C PRO B 227 6.81 -17.53 -0.47
N LYS B 228 6.88 -18.52 0.41
CA LYS B 228 5.80 -18.91 1.26
C LYS B 228 6.33 -19.66 2.46
N VAL B 229 5.69 -19.66 3.58
CA VAL B 229 6.09 -20.41 4.77
C VAL B 229 4.82 -20.74 5.56
N TYR B 230 4.80 -21.93 6.13
CA TYR B 230 3.66 -22.40 6.91
C TYR B 230 4.20 -22.84 8.25
N ASN B 231 3.63 -22.35 9.33
CA ASN B 231 4.12 -22.75 10.65
C ASN B 231 5.63 -22.64 10.74
N PRO B 232 6.15 -21.42 10.56
CA PRO B 232 7.57 -21.10 10.74
C PRO B 232 8.14 -21.51 12.08
N GLN B 233 9.40 -21.94 12.19
CA GLN B 233 10.09 -22.30 13.42
C GLN B 233 10.08 -21.19 14.49
N SER B 234 10.14 -19.93 14.12
CA SER B 234 10.03 -18.80 15.02
C SER B 234 8.72 -18.65 15.76
N GLY B 235 7.58 -19.10 15.23
CA GLY B 235 6.32 -18.94 15.91
C GLY B 235 5.54 -17.68 15.53
N TYR B 236 6.07 -16.89 14.60
CA TYR B 236 5.37 -15.67 14.21
C TYR B 236 5.81 -15.23 12.84
N ILE B 237 4.99 -14.42 12.20
CA ILE B 237 5.20 -13.83 10.90
C ILE B 237 5.07 -12.30 11.07
N ALA B 238 6.10 -11.54 10.69
CA ALA B 238 6.05 -10.08 10.76
C ALA B 238 6.50 -9.46 9.46
N ASN B 239 5.82 -8.39 9.05
CA ASN B 239 6.10 -7.75 7.76
C ASN B 239 5.77 -6.27 7.88
N TRP B 240 6.54 -5.40 7.27
CA TRP B 240 6.22 -3.97 7.21
C TRP B 240 6.64 -3.55 5.82
N ASN B 241 6.29 -4.40 4.85
CA ASN B 241 6.67 -4.23 3.44
C ASN B 241 8.18 -4.45 3.18
N ASN B 242 8.81 -5.27 4.02
CA ASN B 242 10.19 -5.63 3.92
C ASN B 242 10.22 -6.88 3.03
N SER B 243 11.45 -7.34 2.81
CA SER B 243 11.62 -8.45 1.90
C SER B 243 10.97 -9.72 2.47
N PRO B 244 10.35 -10.48 1.57
CA PRO B 244 9.77 -11.76 1.86
C PRO B 244 10.76 -12.79 2.34
N GLN B 245 11.91 -12.83 1.64
CA GLN B 245 12.86 -13.92 1.75
C GLN B 245 14.28 -13.64 1.27
N LYS B 246 15.26 -14.39 1.79
CA LYS B 246 16.65 -14.22 1.37
C LYS B 246 16.89 -14.36 -0.12
N ASP B 247 17.42 -13.32 -0.78
CA ASP B 247 17.75 -13.28 -2.18
C ASP B 247 16.58 -12.91 -3.09
N TYR B 248 15.43 -12.52 -2.54
CA TYR B 248 14.32 -12.11 -3.39
C TYR B 248 14.51 -10.68 -3.78
N PRO B 249 14.41 -10.35 -5.02
CA PRO B 249 14.65 -9.01 -5.54
C PRO B 249 13.40 -8.13 -5.43
N ALA B 250 13.56 -6.85 -5.12
CA ALA B 250 12.48 -5.92 -4.93
C ALA B 250 12.09 -5.22 -6.22
N SER B 251 11.01 -4.49 -6.14
CA SER B 251 10.55 -3.60 -7.23
C SER B 251 11.78 -2.89 -7.78
N ASP B 252 11.80 -2.51 -9.02
CA ASP B 252 12.83 -1.72 -9.65
C ASP B 252 12.77 -0.23 -9.35
N LEU B 253 11.81 0.28 -8.57
CA LEU B 253 11.78 1.69 -8.21
C LEU B 253 13.12 2.14 -7.62
N PHE B 254 13.60 3.29 -8.09
CA PHE B 254 14.88 3.81 -7.59
C PHE B 254 14.78 4.23 -6.14
N ALA B 255 13.62 4.71 -5.72
CA ALA B 255 13.44 5.02 -4.30
C ALA B 255 13.10 3.85 -3.41
N PHE B 256 13.14 2.60 -3.85
CA PHE B 256 12.70 1.50 -2.96
C PHE B 256 13.83 0.48 -2.83
N LEU B 257 14.24 0.18 -1.59
CA LEU B 257 15.29 -0.76 -1.33
C LEU B 257 14.95 -1.60 -0.10
N TRP B 258 15.45 -2.81 -0.12
CA TRP B 258 15.39 -3.76 0.97
C TRP B 258 16.90 -3.95 1.33
N GLY B 259 17.32 -3.35 2.41
CA GLY B 259 18.70 -3.39 2.86
C GLY B 259 18.83 -3.74 4.33
N GLY B 260 20.02 -3.55 4.92
CA GLY B 260 20.16 -3.91 6.31
C GLY B 260 19.40 -2.96 7.25
N ALA B 261 19.10 -1.71 6.90
CA ALA B 261 18.29 -0.81 7.69
C ALA B 261 16.82 -0.97 7.18
N ASP B 262 15.94 -1.52 7.98
CA ASP B 262 14.57 -1.79 7.56
C ASP B 262 13.64 -1.54 8.74
N ARG B 263 12.51 -0.86 8.59
CA ARG B 263 11.64 -0.68 9.75
C ARG B 263 11.00 -1.93 10.32
N VAL B 264 11.01 -3.11 9.74
CA VAL B 264 10.36 -4.28 10.34
C VAL B 264 11.11 -4.75 11.56
N THR B 265 12.39 -4.37 11.69
CA THR B 265 13.18 -4.76 12.87
C THR B 265 12.53 -4.27 14.15
N GLU B 266 11.86 -3.15 14.12
CA GLU B 266 11.10 -2.55 15.18
C GLU B 266 9.99 -3.49 15.59
N ILE B 267 9.38 -4.23 14.68
CA ILE B 267 8.27 -5.13 15.10
C ILE B 267 8.88 -6.39 15.68
N ASP B 268 9.90 -6.89 14.99
CA ASP B 268 10.64 -8.06 15.48
C ASP B 268 11.12 -7.95 16.92
N ARG B 269 11.75 -6.83 17.26
CA ARG B 269 12.32 -6.62 18.59
C ARG B 269 11.19 -6.80 19.64
N LEU B 270 10.01 -6.25 19.39
CA LEU B 270 8.94 -6.35 20.37
C LEU B 270 8.39 -7.76 20.41
N LEU B 271 8.38 -8.54 19.33
CA LEU B 271 7.81 -9.87 19.40
C LEU B 271 8.86 -10.82 19.96
N GLU B 272 10.15 -10.51 19.82
CA GLU B 272 11.14 -11.40 20.44
C GLU B 272 11.39 -11.07 21.90
N GLN B 273 10.94 -9.90 22.35
CA GLN B 273 11.12 -9.51 23.74
C GLN B 273 10.41 -10.38 24.78
N LYS B 274 9.26 -10.92 24.47
CA LYS B 274 8.49 -11.73 25.39
C LYS B 274 8.30 -13.11 24.79
N PRO B 275 8.47 -14.13 25.60
CA PRO B 275 8.30 -15.52 25.21
C PRO B 275 6.90 -15.76 24.66
N ARG B 276 5.82 -15.29 25.27
CA ARG B 276 4.49 -15.39 24.70
C ARG B 276 3.80 -14.04 24.76
N LEU B 277 2.82 -13.78 23.90
CA LEU B 277 2.04 -12.55 23.98
C LEU B 277 0.55 -12.84 24.11
N THR B 278 -0.15 -11.95 24.79
CA THR B 278 -1.64 -12.11 24.84
C THR B 278 -2.16 -11.23 23.70
N ALA B 279 -3.45 -11.25 23.43
CA ALA B 279 -4.13 -10.39 22.49
C ALA B 279 -3.93 -8.92 22.85
N ASP B 280 -4.05 -8.60 24.13
CA ASP B 280 -3.87 -7.22 24.60
C ASP B 280 -2.43 -6.74 24.36
N GLN B 281 -1.47 -7.65 24.51
CA GLN B 281 -0.10 -7.28 24.18
C GLN B 281 0.11 -7.20 22.68
N ALA B 282 -0.49 -8.09 21.89
CA ALA B 282 -0.34 -7.98 20.44
C ALA B 282 -0.93 -6.68 19.93
N TRP B 283 -2.03 -6.24 20.54
CA TRP B 283 -2.69 -5.01 20.09
C TRP B 283 -1.79 -3.81 20.44
N ASP B 284 -1.22 -3.80 21.61
CA ASP B 284 -0.35 -2.80 22.14
C ASP B 284 0.92 -2.55 21.32
N VAL B 285 1.41 -3.50 20.53
CA VAL B 285 2.43 -3.25 19.54
C VAL B 285 2.02 -2.19 18.53
N ILE B 286 0.72 -1.93 18.30
CA ILE B 286 0.33 -0.90 17.36
C ILE B 286 0.73 0.44 17.97
N ARG B 287 0.46 0.65 19.23
CA ARG B 287 0.77 1.89 19.91
C ARG B 287 2.30 2.13 19.96
N GLN B 288 3.10 1.14 20.34
CA GLN B 288 4.56 1.39 20.34
C GLN B 288 5.14 1.73 18.98
N THR B 289 4.91 0.87 17.97
CA THR B 289 5.42 1.11 16.63
C THR B 289 4.83 2.38 16.04
N SER B 290 3.60 2.80 16.29
CA SER B 290 3.08 4.06 15.85
C SER B 290 3.96 5.26 16.18
N ARG B 291 4.57 5.23 17.39
CA ARG B 291 5.23 6.37 17.94
C ARG B 291 6.77 6.29 17.86
N GLN B 292 7.31 5.20 17.37
CA GLN B 292 8.74 4.97 17.32
C GLN B 292 9.48 5.74 16.27
N ASP B 293 10.55 6.45 16.59
CA ASP B 293 11.42 7.09 15.58
C ASP B 293 12.16 5.93 14.93
N LEU B 294 12.24 5.80 13.65
CA LEU B 294 12.86 4.76 12.88
C LEU B 294 14.37 4.95 12.65
N ASN B 295 14.91 6.13 12.85
CA ASN B 295 16.36 6.33 12.55
C ASN B 295 17.26 6.24 13.78
N LEU B 296 16.73 6.41 14.99
CA LEU B 296 17.57 6.34 16.17
C LEU B 296 18.44 5.10 16.24
N ARG B 297 17.79 3.93 16.18
CA ARG B 297 18.41 2.63 16.28
C ARG B 297 19.57 2.51 15.31
N LEU B 298 19.46 2.98 14.10
CA LEU B 298 20.32 2.88 12.98
C LEU B 298 21.62 3.65 13.18
N PHE B 299 21.58 4.88 13.61
CA PHE B 299 22.71 5.78 13.60
C PHE B 299 23.13 6.22 15.02
N LEU B 300 22.47 5.75 16.09
CA LEU B 300 22.96 6.07 17.42
C LEU B 300 24.36 5.53 17.75
N PRO B 301 24.70 4.31 17.50
CA PRO B 301 26.05 3.77 17.64
C PRO B 301 27.12 4.58 16.88
N THR B 302 26.89 5.17 15.72
CA THR B 302 27.80 5.96 14.94
C THR B 302 28.04 7.31 15.63
N LEU B 303 26.95 7.84 16.20
CA LEU B 303 26.99 9.16 16.81
C LEU B 303 27.77 9.06 18.10
N GLN B 304 27.59 7.97 18.82
CA GLN B 304 28.21 7.72 20.09
C GLN B 304 29.72 7.56 19.89
N ALA B 305 30.12 6.80 18.88
CA ALA B 305 31.55 6.56 18.67
C ALA B 305 32.21 7.85 18.22
N ALA B 306 31.55 8.67 17.40
CA ALA B 306 32.16 9.91 16.99
C ALA B 306 32.33 10.92 18.10
N THR B 307 31.49 10.98 19.12
CA THR B 307 31.60 12.05 20.09
C THR B 307 32.23 11.54 21.38
N SER B 308 32.65 10.30 21.40
CA SER B 308 33.24 9.72 22.59
C SER B 308 34.46 10.44 23.14
N GLY B 309 35.34 11.03 22.33
CA GLY B 309 36.50 11.75 22.82
C GLY B 309 36.28 13.25 22.99
N LEU B 310 35.04 13.75 22.89
CA LEU B 310 34.79 15.16 23.10
C LEU B 310 34.57 15.44 24.59
N THR B 311 34.74 16.70 24.96
CA THR B 311 34.48 17.16 26.29
C THR B 311 32.98 17.44 26.46
N GLN B 312 32.60 17.44 27.71
CA GLN B 312 31.25 17.67 28.19
C GLN B 312 30.69 19.02 27.80
N SER B 313 31.47 20.08 27.67
CA SER B 313 30.92 21.34 27.22
C SER B 313 30.86 21.45 25.71
N ASP B 314 31.24 20.45 24.94
CA ASP B 314 31.11 20.54 23.49
C ASP B 314 29.63 20.22 23.18
N PRO B 315 28.96 21.15 22.58
CA PRO B 315 27.57 21.05 22.17
C PRO B 315 27.26 19.80 21.33
N ARG B 316 28.12 19.40 20.39
CA ARG B 316 27.94 18.19 19.61
C ARG B 316 27.76 16.96 20.47
N ARG B 317 28.52 16.94 21.57
CA ARG B 317 28.42 15.83 22.50
C ARG B 317 27.13 15.87 23.33
N GLN B 318 26.65 17.05 23.69
CA GLN B 318 25.41 17.18 24.46
C GLN B 318 24.24 16.71 23.61
N LEU B 319 24.23 17.03 22.32
CA LEU B 319 23.22 16.55 21.41
C LEU B 319 23.24 15.01 21.42
N VAL B 320 24.43 14.37 21.42
CA VAL B 320 24.44 12.92 21.45
C VAL B 320 23.97 12.36 22.79
N GLU B 321 24.12 13.10 23.87
CA GLU B 321 23.73 12.54 25.17
C GLU B 321 22.24 12.61 25.41
N THR B 322 21.62 13.64 24.85
CA THR B 322 20.17 13.72 24.79
C THR B 322 19.64 12.49 24.08
N LEU B 323 20.13 12.17 22.88
CA LEU B 323 19.73 10.98 22.15
C LEU B 323 19.97 9.70 22.90
N THR B 324 21.07 9.61 23.65
CA THR B 324 21.34 8.41 24.44
C THR B 324 20.40 8.16 25.60
N ARG B 325 19.87 9.24 26.21
CA ARG B 325 18.87 9.02 27.24
C ARG B 325 17.47 8.68 26.68
N TRP B 326 17.18 8.90 25.40
CA TRP B 326 15.82 8.77 24.85
C TRP B 326 15.51 7.34 24.42
N ASP B 327 14.32 6.81 24.49
CA ASP B 327 14.10 5.45 23.94
C ASP B 327 13.56 5.56 22.51
N GLY B 328 13.46 6.78 21.95
CA GLY B 328 12.89 6.92 20.64
C GLY B 328 11.38 6.99 20.52
N ILE B 329 10.62 6.80 21.60
CA ILE B 329 9.15 6.91 21.52
C ILE B 329 8.69 8.35 21.55
N ASN B 330 8.06 8.91 20.53
CA ASN B 330 7.63 10.30 20.62
C ASN B 330 6.33 10.35 21.43
N LEU B 331 6.12 11.39 22.20
CA LEU B 331 4.92 11.58 23.00
C LEU B 331 4.52 13.04 22.98
N LEU B 332 3.27 13.43 22.84
CA LEU B 332 2.96 14.85 22.74
C LEU B 332 3.07 15.56 24.09
N ASN B 333 3.45 16.85 24.11
CA ASN B 333 3.31 17.57 25.39
C ASN B 333 1.82 17.81 25.61
N ASP B 334 1.48 18.47 26.73
CA ASP B 334 0.12 18.88 27.05
C ASP B 334 -0.49 19.92 26.12
N ASP B 335 0.29 20.65 25.37
CA ASP B 335 -0.18 21.65 24.44
C ASP B 335 -0.79 21.03 23.20
N GLY B 336 -0.64 19.72 22.97
CA GLY B 336 -1.19 19.10 21.77
C GLY B 336 -0.48 19.56 20.51
N LYS B 337 0.76 20.06 20.59
CA LYS B 337 1.45 20.37 19.35
C LYS B 337 2.96 20.19 19.33
N THR B 338 3.61 19.92 20.46
CA THR B 338 5.06 19.74 20.41
C THR B 338 5.40 18.40 21.08
N TRP B 339 6.53 17.92 20.62
CA TRP B 339 6.98 16.63 21.20
C TRP B 339 7.75 16.85 22.50
N GLN B 340 7.65 15.94 23.44
CA GLN B 340 8.29 15.94 24.72
C GLN B 340 9.80 15.94 24.60
N GLN B 341 10.46 15.29 23.68
CA GLN B 341 11.90 15.28 23.52
C GLN B 341 12.23 15.74 22.12
N PRO B 342 13.35 16.41 21.91
CA PRO B 342 13.80 16.93 20.63
C PRO B 342 14.52 15.99 19.69
N GLY B 343 14.67 14.72 19.96
CA GLY B 343 15.35 13.71 19.21
C GLY B 343 15.08 13.56 17.75
N SER B 344 13.83 13.65 17.32
CA SER B 344 13.46 13.50 15.93
C SER B 344 13.95 14.73 15.22
N ALA B 345 13.81 15.90 15.86
CA ALA B 345 14.30 17.10 15.14
C ALA B 345 15.82 17.05 14.95
N ILE B 346 16.58 16.65 15.98
CA ILE B 346 18.02 16.46 15.86
C ILE B 346 18.43 15.47 14.78
N LEU B 347 17.82 14.28 14.72
CA LEU B 347 18.15 13.31 13.65
C LEU B 347 17.76 13.82 12.28
N ASN B 348 16.65 14.57 12.28
CA ASN B 348 16.23 15.15 11.01
C ASN B 348 17.34 16.05 10.48
N VAL B 349 17.78 17.03 11.26
CA VAL B 349 18.79 17.98 10.76
C VAL B 349 20.15 17.33 10.53
N TRP B 350 20.53 16.39 11.42
CA TRP B 350 21.78 15.66 11.22
C TRP B 350 21.83 14.85 9.94
N LEU B 351 20.77 14.09 9.70
CA LEU B 351 20.66 13.21 8.53
C LEU B 351 20.62 14.06 7.26
N THR B 352 19.92 15.19 7.27
CA THR B 352 19.90 16.03 6.07
C THR B 352 21.30 16.49 5.72
N SER B 353 22.06 16.87 6.78
CA SER B 353 23.44 17.31 6.55
C SER B 353 24.36 16.18 6.11
N MET B 354 24.26 15.02 6.74
CA MET B 354 25.02 13.84 6.39
C MET B 354 24.75 13.44 4.95
N LEU B 355 23.51 13.51 4.48
CA LEU B 355 23.22 13.04 3.12
C LEU B 355 23.80 14.02 2.13
N LYS B 356 23.66 15.32 2.41
CA LYS B 356 24.21 16.34 1.55
C LYS B 356 25.74 16.24 1.45
N ARG B 357 26.44 15.90 2.51
CA ARG B 357 27.87 15.64 2.50
C ARG B 357 28.31 14.31 1.88
N THR B 358 27.49 13.26 1.81
CA THR B 358 27.90 11.96 1.33
C THR B 358 27.21 11.49 0.05
N VAL B 359 25.99 10.93 0.12
CA VAL B 359 25.29 10.37 -1.02
C VAL B 359 25.02 11.40 -2.10
N VAL B 360 24.46 12.51 -1.73
CA VAL B 360 24.15 13.61 -2.63
C VAL B 360 25.36 14.11 -3.39
N ALA B 361 26.52 14.24 -2.79
CA ALA B 361 27.74 14.68 -3.47
C ALA B 361 28.24 13.66 -4.48
N ALA B 362 28.04 12.37 -4.36
CA ALA B 362 28.54 11.40 -5.35
C ALA B 362 27.63 11.27 -6.57
N VAL B 363 26.40 11.80 -6.52
CA VAL B 363 25.51 11.62 -7.66
C VAL B 363 25.33 12.90 -8.44
N PRO B 364 25.42 12.82 -9.77
CA PRO B 364 25.28 13.96 -10.65
C PRO B 364 23.87 14.56 -10.59
N MET B 365 23.77 15.87 -10.74
CA MET B 365 22.49 16.54 -10.87
C MET B 365 21.91 16.20 -12.24
N PRO B 366 20.59 16.04 -12.24
CA PRO B 366 19.68 16.30 -11.16
C PRO B 366 19.22 15.10 -10.35
N PHE B 367 19.90 13.99 -10.40
CA PHE B 367 19.60 12.78 -9.69
C PHE B 367 20.00 12.88 -8.24
N ASP B 368 20.82 13.84 -7.85
CA ASP B 368 21.17 14.01 -6.45
C ASP B 368 19.96 14.29 -5.56
N LYS B 369 18.93 14.96 -6.03
CA LYS B 369 17.70 15.25 -5.38
C LYS B 369 16.86 14.01 -5.07
N TRP B 370 17.14 12.88 -5.70
CA TRP B 370 16.47 11.65 -5.25
C TRP B 370 17.00 11.19 -3.90
N TYR B 371 18.17 11.61 -3.44
CA TYR B 371 18.80 10.95 -2.32
C TYR B 371 18.99 11.89 -1.14
N SER B 372 18.49 13.08 -1.19
CA SER B 372 18.64 14.05 -0.13
C SER B 372 17.55 14.02 0.94
N ALA B 373 16.46 13.28 0.83
CA ALA B 373 15.42 13.45 1.84
C ALA B 373 15.80 12.69 3.08
N SER B 374 15.45 13.25 4.22
CA SER B 374 15.81 12.57 5.46
C SER B 374 14.77 11.57 5.90
N GLY B 375 13.52 11.70 5.46
CA GLY B 375 12.45 10.79 5.79
C GLY B 375 11.47 11.47 6.73
N TYR B 376 11.74 12.73 7.03
CA TYR B 376 10.96 13.41 8.05
C TYR B 376 10.13 14.50 7.38
N GLU B 377 10.29 14.67 6.10
CA GLU B 377 9.53 15.66 5.36
C GLU B 377 8.04 15.42 5.51
N THR B 378 7.35 16.48 5.90
CA THR B 378 5.89 16.51 5.98
C THR B 378 5.44 17.96 5.74
N THR B 379 4.14 18.19 5.83
CA THR B 379 3.59 19.53 5.90
C THR B 379 2.69 19.72 7.12
N GLN B 380 1.94 20.82 7.13
CA GLN B 380 1.09 21.14 8.28
C GLN B 380 -0.03 20.13 8.47
N ASP B 381 -0.51 19.55 7.37
CA ASP B 381 -1.48 18.48 7.48
C ASP B 381 -0.87 17.16 7.92
N GLY B 382 0.45 17.01 7.87
CA GLY B 382 1.15 15.79 8.28
C GLY B 382 1.43 14.85 7.12
N PRO B 383 2.15 13.78 7.37
CA PRO B 383 2.45 12.77 6.36
C PRO B 383 1.21 12.31 5.62
N THR B 384 1.26 11.98 4.36
CA THR B 384 0.17 11.39 3.62
C THR B 384 0.19 9.87 3.75
N GLY B 385 1.21 9.28 4.36
CA GLY B 385 1.21 7.82 4.47
C GLY B 385 2.12 7.45 5.64
N SER B 386 2.65 6.24 5.57
CA SER B 386 3.55 5.74 6.61
C SER B 386 4.90 6.48 6.57
N LEU B 387 5.54 6.58 7.71
CA LEU B 387 6.91 6.97 7.92
C LEU B 387 7.77 5.72 7.68
N ASN B 388 8.89 5.93 7.01
CA ASN B 388 9.85 4.93 6.65
C ASN B 388 11.27 5.53 6.79
N ILE B 389 12.28 4.70 6.53
CA ILE B 389 13.67 5.11 6.51
C ILE B 389 13.95 5.52 5.07
N SER B 390 14.37 6.70 4.67
CA SER B 390 14.60 7.07 3.31
C SER B 390 15.67 6.31 2.54
N VAL B 391 15.60 6.29 1.21
CA VAL B 391 16.57 5.61 0.41
C VAL B 391 18.03 6.09 0.74
N GLY B 392 18.20 7.39 0.83
CA GLY B 392 19.47 8.04 1.13
C GLY B 392 20.02 7.43 2.41
N ALA B 393 19.18 7.42 3.42
CA ALA B 393 19.51 6.86 4.73
C ALA B 393 19.76 5.36 4.64
N LYS B 394 19.11 4.60 3.75
CA LYS B 394 19.47 3.18 3.67
C LYS B 394 20.85 3.04 3.02
N ILE B 395 21.11 3.85 1.99
CA ILE B 395 22.42 3.82 1.35
C ILE B 395 23.50 4.27 2.33
N LEU B 396 23.28 5.33 3.11
CA LEU B 396 24.24 5.79 4.12
C LEU B 396 24.47 4.73 5.17
N TYR B 397 23.46 3.93 5.52
CA TYR B 397 23.68 2.95 6.59
C TYR B 397 24.68 1.86 6.15
N GLU B 398 24.68 1.51 4.87
CA GLU B 398 25.56 0.52 4.30
C GLU B 398 27.00 1.05 4.36
N ALA B 399 27.21 2.31 3.98
CA ALA B 399 28.46 3.04 4.08
C ALA B 399 29.03 3.16 5.50
N VAL B 400 28.19 3.46 6.49
CA VAL B 400 28.69 3.46 7.86
C VAL B 400 28.89 2.04 8.39
N GLN B 401 28.51 0.95 7.73
CA GLN B 401 28.83 -0.37 8.23
C GLN B 401 30.23 -0.80 7.78
N GLY B 402 30.87 -0.09 6.86
CA GLY B 402 32.20 -0.49 6.44
C GLY B 402 32.28 -1.82 5.73
N ASP B 403 33.22 -2.70 6.04
CA ASP B 403 33.30 -3.96 5.32
C ASP B 403 32.37 -5.01 5.90
N LYS B 404 31.50 -4.62 6.81
CA LYS B 404 30.45 -5.47 7.36
C LYS B 404 29.21 -5.42 6.45
N SER B 405 29.12 -4.47 5.54
CA SER B 405 28.07 -4.39 4.53
C SER B 405 28.45 -5.28 3.35
N PRO B 406 27.49 -6.03 2.85
CA PRO B 406 27.67 -6.90 1.70
C PRO B 406 27.70 -6.13 0.38
N ILE B 407 27.42 -4.83 0.38
CA ILE B 407 27.37 -4.02 -0.80
C ILE B 407 28.71 -3.34 -1.04
N PRO B 408 29.36 -3.71 -2.12
CA PRO B 408 30.66 -3.17 -2.49
C PRO B 408 30.57 -1.66 -2.52
N GLN B 409 31.48 -0.94 -1.91
CA GLN B 409 31.45 0.52 -1.98
C GLN B 409 32.33 0.92 -3.15
N ALA B 410 31.74 0.97 -4.33
CA ALA B 410 32.44 1.35 -5.54
C ALA B 410 32.97 2.77 -5.42
N VAL B 411 32.25 3.72 -4.86
CA VAL B 411 32.78 5.02 -4.56
C VAL B 411 32.72 5.14 -3.02
N ASP B 412 33.77 5.72 -2.48
CA ASP B 412 33.82 6.05 -1.07
C ASP B 412 32.95 7.29 -0.88
N LEU B 413 31.92 7.09 -0.09
CA LEU B 413 30.94 8.14 0.11
C LEU B 413 31.45 9.20 1.07
N PHE B 414 32.42 8.84 1.90
CA PHE B 414 33.10 9.76 2.80
C PHE B 414 34.23 10.51 2.14
N ALA B 415 34.58 10.25 0.90
CA ALA B 415 35.54 10.95 0.07
C ALA B 415 36.92 11.14 0.70
N GLY B 416 37.47 10.07 1.26
CA GLY B 416 38.80 10.08 1.82
C GLY B 416 38.83 10.56 3.25
N LYS B 417 37.80 11.17 3.82
CA LYS B 417 37.84 11.62 5.20
C LYS B 417 37.38 10.49 6.10
N PRO B 418 37.98 10.41 7.26
CA PRO B 418 37.56 9.47 8.30
C PRO B 418 36.10 9.76 8.61
N GLN B 419 35.29 8.78 8.83
CA GLN B 419 33.87 8.87 9.10
C GLN B 419 33.46 9.86 10.16
N GLN B 420 34.14 9.77 11.28
CA GLN B 420 34.00 10.58 12.48
C GLN B 420 34.11 12.06 12.14
N GLU B 421 35.02 12.41 11.24
CA GLU B 421 35.11 13.83 10.91
C GLU B 421 33.86 14.26 10.17
N VAL B 422 33.27 13.47 9.29
CA VAL B 422 32.03 13.83 8.61
C VAL B 422 30.84 13.82 9.58
N VAL B 423 30.80 12.86 10.49
CA VAL B 423 29.76 12.84 11.50
C VAL B 423 29.79 14.06 12.42
N LEU B 424 30.97 14.59 12.76
CA LEU B 424 31.12 15.69 13.69
C LEU B 424 30.82 16.97 12.97
N ALA B 425 31.22 17.02 11.70
CA ALA B 425 30.85 18.23 10.94
C ALA B 425 29.32 18.36 10.85
N ALA B 426 28.60 17.28 10.58
CA ALA B 426 27.14 17.34 10.43
C ALA B 426 26.50 17.70 11.77
N LEU B 427 27.15 17.21 12.84
CA LEU B 427 26.63 17.49 14.18
C LEU B 427 26.81 18.95 14.54
N GLU B 428 27.80 19.63 13.96
CA GLU B 428 28.04 21.06 14.18
C GLU B 428 27.03 21.85 13.36
N ASP B 429 26.67 21.29 12.22
CA ASP B 429 25.63 21.94 11.39
C ASP B 429 24.31 21.90 12.18
N THR B 430 24.07 20.77 12.83
CA THR B 430 22.84 20.53 13.54
C THR B 430 22.73 21.49 14.71
N TRP B 431 23.81 21.54 15.48
CA TRP B 431 23.80 22.46 16.62
C TRP B 431 23.58 23.91 16.21
N GLU B 432 24.16 24.35 15.13
CA GLU B 432 24.01 25.70 14.61
C GLU B 432 22.55 26.02 14.20
N THR B 433 21.96 25.10 13.44
CA THR B 433 20.57 25.30 13.04
C THR B 433 19.62 25.32 14.21
N LEU B 434 19.66 24.31 15.05
CA LEU B 434 18.69 24.22 16.13
C LEU B 434 18.85 25.24 17.22
N SER B 435 20.06 25.54 17.67
CA SER B 435 20.32 26.48 18.76
C SER B 435 19.92 27.88 18.34
N LYS B 436 20.04 28.16 17.06
CA LYS B 436 19.65 29.48 16.57
C LYS B 436 18.13 29.64 16.74
N ARG B 437 17.33 28.59 16.50
CA ARG B 437 15.87 28.79 16.58
C ARG B 437 15.35 28.62 17.99
N TYR B 438 15.91 27.71 18.79
CA TYR B 438 15.45 27.41 20.12
C TYR B 438 16.29 27.90 21.27
N GLY B 439 17.51 28.33 20.98
CA GLY B 439 18.38 28.78 22.09
C GLY B 439 19.30 27.62 22.46
N ASN B 440 20.11 27.86 23.47
CA ASN B 440 21.15 26.98 23.94
C ASN B 440 20.76 25.98 25.01
N ASN B 441 19.61 26.19 25.64
CA ASN B 441 19.19 25.20 26.65
C ASN B 441 18.32 24.09 26.12
N VAL B 442 19.00 23.03 25.72
CA VAL B 442 18.38 21.86 25.11
C VAL B 442 17.18 21.32 25.88
N SER B 443 17.17 21.43 27.19
CA SER B 443 16.10 20.99 28.04
C SER B 443 14.79 21.74 27.86
N ASN B 444 14.78 22.94 27.29
CA ASN B 444 13.48 23.57 27.10
C ASN B 444 13.10 23.61 25.63
N TRP B 445 13.77 22.80 24.79
CA TRP B 445 13.41 22.81 23.37
C TRP B 445 12.02 22.20 23.21
N LYS B 446 11.10 22.90 22.61
CA LYS B 446 9.76 22.39 22.33
C LYS B 446 9.63 22.31 20.81
N THR B 447 9.90 21.14 20.24
CA THR B 447 9.89 20.94 18.79
C THR B 447 8.56 20.41 18.31
N PRO B 448 8.23 20.74 17.08
CA PRO B 448 6.88 20.52 16.57
C PRO B 448 6.63 19.05 16.27
N ALA B 449 5.52 18.54 16.80
CA ALA B 449 5.02 17.22 16.49
C ALA B 449 4.35 17.21 15.13
N MET B 450 4.24 16.05 14.52
CA MET B 450 3.54 15.76 13.30
C MET B 450 2.07 15.55 13.67
N ALA B 451 1.16 16.03 12.88
CA ALA B 451 -0.28 15.81 13.08
C ALA B 451 -0.81 14.79 12.04
N LEU B 452 -2.10 14.50 12.06
CA LEU B 452 -2.77 13.56 11.17
C LEU B 452 -4.10 14.06 10.62
N THR B 453 -4.26 14.11 9.31
CA THR B 453 -5.42 14.60 8.60
C THR B 453 -6.17 13.49 7.87
N PHE B 454 -7.47 13.33 8.08
CA PHE B 454 -8.36 12.49 7.29
C PHE B 454 -8.79 13.42 6.15
N ARG B 455 -8.24 13.19 4.96
CA ARG B 455 -8.55 14.06 3.83
C ARG B 455 -9.85 13.77 3.11
N ALA B 456 -10.45 14.78 2.52
CA ALA B 456 -11.68 14.82 1.78
C ALA B 456 -11.43 14.42 0.32
N ASN B 457 -10.16 14.55 -0.12
CA ASN B 457 -9.79 14.12 -1.44
C ASN B 457 -9.32 12.66 -1.40
N ASN B 458 -9.63 11.89 -2.50
CA ASN B 458 -9.12 10.52 -2.40
C ASN B 458 -7.63 10.52 -2.79
N PHE B 459 -7.03 9.35 -2.80
CA PHE B 459 -5.60 9.16 -3.01
C PHE B 459 -5.19 9.61 -4.40
N PHE B 460 -6.12 9.64 -5.34
CA PHE B 460 -5.81 10.28 -6.62
C PHE B 460 -5.81 11.78 -6.51
N GLY B 461 -6.32 12.43 -5.47
CA GLY B 461 -6.34 13.91 -5.58
C GLY B 461 -7.74 14.36 -5.99
N VAL B 462 -8.68 13.42 -6.09
CA VAL B 462 -10.05 13.78 -6.44
C VAL B 462 -10.95 13.91 -5.21
N PRO B 463 -11.77 14.93 -5.12
CA PRO B 463 -12.72 15.08 -4.04
C PRO B 463 -13.68 13.89 -3.97
N GLN B 464 -13.88 13.40 -2.77
CA GLN B 464 -14.85 12.38 -2.48
C GLN B 464 -15.70 12.82 -1.29
N ALA B 465 -15.69 14.07 -0.92
CA ALA B 465 -16.38 14.65 0.22
C ALA B 465 -16.17 16.16 0.05
N ALA B 466 -16.90 17.02 0.75
CA ALA B 466 -16.68 18.46 0.61
C ALA B 466 -15.43 18.78 1.44
N ALA B 467 -14.74 19.87 1.18
CA ALA B 467 -13.54 20.27 1.95
C ALA B 467 -13.78 20.41 3.44
N GLU B 468 -14.94 20.87 3.92
CA GLU B 468 -15.18 20.94 5.35
C GLU B 468 -15.30 19.60 6.01
N GLU B 469 -15.35 18.51 5.23
CA GLU B 469 -15.50 17.17 5.82
C GLU B 469 -14.17 16.61 6.30
N THR B 470 -13.10 17.35 6.07
CA THR B 470 -11.76 16.96 6.50
C THR B 470 -11.67 16.84 8.01
N ARG B 471 -11.04 15.82 8.57
CA ARG B 471 -10.93 15.69 10.01
C ARG B 471 -9.45 15.77 10.35
N HIS B 472 -9.11 16.42 11.46
CA HIS B 472 -7.82 16.65 12.02
C HIS B 472 -7.59 15.89 13.32
N GLN B 473 -6.44 15.24 13.39
CA GLN B 473 -6.08 14.56 14.65
C GLN B 473 -4.73 15.11 15.11
N ALA B 474 -4.55 15.44 16.38
CA ALA B 474 -3.37 16.11 16.91
C ALA B 474 -2.15 15.19 16.85
N GLU B 475 -2.23 13.92 17.16
CA GLU B 475 -1.09 13.03 17.07
C GLU B 475 -1.00 12.18 15.79
N TYR B 476 0.08 12.34 15.02
CA TYR B 476 0.41 11.51 13.89
C TYR B 476 0.79 10.12 14.46
N GLN B 477 0.20 9.06 13.94
CA GLN B 477 0.49 7.71 14.39
C GLN B 477 0.91 6.90 13.15
N ASN B 478 2.07 6.26 13.19
CA ASN B 478 2.55 5.50 12.03
C ASN B 478 1.90 4.12 12.08
N ARG B 479 0.63 4.06 11.68
CA ARG B 479 -0.17 2.84 11.87
C ARG B 479 -1.14 2.65 10.72
N GLY B 480 -1.82 1.48 10.75
CA GLY B 480 -2.73 1.24 9.63
C GLY B 480 -3.89 2.24 9.57
N THR B 481 -4.35 2.48 8.36
CA THR B 481 -5.49 3.26 7.99
C THR B 481 -6.71 2.71 8.79
N GLU B 482 -6.80 1.39 8.89
CA GLU B 482 -7.66 0.69 9.81
C GLU B 482 -6.77 -0.33 10.53
N ASN B 483 -7.05 -0.82 11.70
CA ASN B 483 -6.41 -1.90 12.41
C ASN B 483 -7.47 -2.98 12.69
N ASP B 484 -7.14 -4.27 12.57
CA ASP B 484 -8.14 -5.29 12.89
C ASP B 484 -7.37 -6.41 13.59
N MET B 485 -8.03 -7.07 14.55
CA MET B 485 -7.38 -8.14 15.28
C MET B 485 -8.33 -9.35 15.35
N ILE B 486 -7.80 -10.52 15.01
CA ILE B 486 -8.57 -11.76 15.13
C ILE B 486 -7.91 -12.69 16.13
N VAL B 487 -8.58 -13.18 17.15
CA VAL B 487 -8.01 -14.09 18.13
C VAL B 487 -8.72 -15.45 18.09
N PHE B 488 -8.02 -16.51 17.73
CA PHE B 488 -8.60 -17.85 17.62
C PHE B 488 -8.36 -18.69 18.88
N SER B 489 -9.38 -19.41 19.27
CA SER B 489 -9.53 -20.22 20.44
C SER B 489 -9.06 -19.56 21.72
N PRO B 490 -9.73 -18.48 22.08
CA PRO B 490 -9.42 -17.74 23.29
C PRO B 490 -9.65 -18.69 24.45
N THR B 491 -8.78 -18.80 25.44
CA THR B 491 -9.15 -19.50 26.67
C THR B 491 -10.17 -18.71 27.49
N THR B 492 -10.32 -17.42 27.33
CA THR B 492 -11.17 -16.55 28.09
C THR B 492 -12.60 -16.35 27.62
N SER B 493 -13.09 -17.13 26.68
CA SER B 493 -14.46 -17.02 26.19
C SER B 493 -14.86 -18.40 25.71
N ASP B 494 -16.12 -18.63 25.42
CA ASP B 494 -16.63 -19.90 24.92
C ASP B 494 -16.65 -19.87 23.39
N ARG B 495 -16.59 -18.63 22.87
CA ARG B 495 -16.52 -18.42 21.44
C ARG B 495 -15.16 -18.89 20.91
N PRO B 496 -15.18 -19.60 19.78
CA PRO B 496 -14.04 -20.10 19.06
C PRO B 496 -13.17 -19.03 18.38
N VAL B 497 -13.73 -17.87 18.08
CA VAL B 497 -13.05 -16.74 17.54
C VAL B 497 -13.47 -15.45 18.26
N LEU B 498 -12.61 -14.44 18.31
CA LEU B 498 -13.07 -13.10 18.73
C LEU B 498 -12.40 -12.14 17.75
N ALA B 499 -13.02 -11.06 17.31
CA ALA B 499 -12.35 -10.20 16.36
C ALA B 499 -12.72 -8.77 16.64
N TRP B 500 -11.87 -7.80 16.29
CA TRP B 500 -12.21 -6.42 16.52
C TRP B 500 -11.69 -5.61 15.34
N ASP B 501 -12.15 -4.39 15.15
CA ASP B 501 -11.59 -3.51 14.14
C ASP B 501 -11.93 -2.09 14.54
N VAL B 502 -11.63 -1.15 13.67
CA VAL B 502 -11.93 0.27 13.90
C VAL B 502 -11.83 0.92 12.52
N VAL B 503 -12.92 1.46 12.02
CA VAL B 503 -13.01 2.02 10.67
C VAL B 503 -13.47 3.45 10.81
N ALA B 504 -12.56 4.41 10.95
CA ALA B 504 -12.82 5.82 11.19
C ALA B 504 -12.75 6.60 9.92
N PRO B 505 -13.52 7.67 9.79
CA PRO B 505 -14.41 8.22 10.81
C PRO B 505 -15.63 7.47 11.25
N GLY B 506 -16.24 6.68 10.35
CA GLY B 506 -17.33 5.79 10.67
C GLY B 506 -17.80 4.92 9.52
N GLN B 507 -18.78 4.03 9.73
CA GLN B 507 -19.32 3.20 8.70
C GLN B 507 -19.97 3.97 7.54
N SER B 508 -20.71 5.02 7.88
CA SER B 508 -21.42 5.80 6.89
C SER B 508 -20.75 7.11 6.51
N GLY B 509 -21.01 7.52 5.26
CA GLY B 509 -20.55 8.80 4.75
C GLY B 509 -21.78 9.64 4.41
N PHE B 510 -22.98 9.18 4.75
CA PHE B 510 -24.19 9.89 4.32
C PHE B 510 -24.50 11.16 5.12
N ILE B 511 -24.82 12.19 4.37
CA ILE B 511 -25.28 13.50 4.73
C ILE B 511 -26.57 13.79 3.89
N ALA B 512 -27.69 14.01 4.59
CA ALA B 512 -28.95 14.27 3.90
C ALA B 512 -28.84 15.61 3.18
N PRO B 513 -29.79 15.85 2.31
CA PRO B 513 -29.86 17.11 1.58
C PRO B 513 -30.04 18.30 2.51
N ASP B 514 -30.72 18.25 3.65
CA ASP B 514 -30.80 19.31 4.62
C ASP B 514 -29.53 19.45 5.48
N GLY B 515 -28.49 18.65 5.31
CA GLY B 515 -27.28 18.81 6.11
C GLY B 515 -27.22 17.94 7.35
N THR B 516 -28.24 17.13 7.56
CA THR B 516 -28.25 16.19 8.68
C THR B 516 -27.29 15.05 8.36
N VAL B 517 -26.37 14.83 9.26
CA VAL B 517 -25.32 13.83 9.16
C VAL B 517 -25.81 12.49 9.70
N ASP B 518 -25.54 11.38 9.00
CA ASP B 518 -25.96 10.08 9.49
C ASP B 518 -25.47 9.90 10.92
N LYS B 519 -26.14 9.02 11.65
CA LYS B 519 -25.79 8.66 12.99
C LYS B 519 -24.45 7.92 13.04
N HIS B 520 -23.99 7.29 11.97
CA HIS B 520 -22.74 6.53 12.05
C HIS B 520 -21.65 7.17 11.21
N TYR B 521 -21.72 8.48 11.07
CA TYR B 521 -20.82 9.28 10.30
C TYR B 521 -19.52 9.54 11.03
N GLU B 522 -19.43 9.60 12.34
CA GLU B 522 -18.14 9.88 12.95
C GLU B 522 -18.05 9.21 14.29
N ASP B 523 -18.80 8.14 14.50
CA ASP B 523 -18.79 7.54 15.83
C ASP B 523 -17.58 6.68 16.01
N GLN B 524 -16.58 6.57 15.13
CA GLN B 524 -15.39 5.77 15.39
C GLN B 524 -14.13 6.63 15.45
N LEU B 525 -14.19 7.92 15.24
CA LEU B 525 -13.10 8.85 15.16
C LEU B 525 -12.32 9.10 16.44
N LYS B 526 -12.92 9.16 17.61
CA LYS B 526 -12.27 9.25 18.89
C LYS B 526 -11.69 7.91 19.30
N MET B 527 -12.34 6.83 18.95
CA MET B 527 -11.84 5.48 19.19
C MET B 527 -10.46 5.25 18.54
N TYR B 528 -10.35 5.75 17.34
CA TYR B 528 -9.19 5.61 16.49
C TYR B 528 -8.01 6.31 17.18
N GLU B 529 -8.22 7.56 17.54
CA GLU B 529 -7.19 8.32 18.23
C GLU B 529 -6.76 7.66 19.53
N ASN B 530 -7.60 7.08 20.39
CA ASN B 530 -7.13 6.50 21.60
C ASN B 530 -6.72 5.03 21.46
N PHE B 531 -6.53 4.44 20.27
CA PHE B 531 -6.12 3.03 20.24
C PHE B 531 -7.23 2.09 20.74
N GLY B 532 -8.50 2.51 20.65
CA GLY B 532 -9.61 1.65 21.01
C GLY B 532 -10.03 0.81 19.78
N ARG B 533 -11.04 0.00 19.94
CA ARG B 533 -11.54 -0.88 18.88
C ARG B 533 -12.96 -1.35 19.23
N LYS B 534 -13.74 -1.74 18.25
CA LYS B 534 -15.10 -2.27 18.42
C LYS B 534 -15.10 -3.75 18.06
N SER B 535 -16.07 -4.53 18.54
CA SER B 535 -16.20 -5.94 18.22
C SER B 535 -16.74 -6.20 16.81
N LEU B 536 -16.28 -7.24 16.17
CA LEU B 536 -16.80 -7.62 14.86
C LEU B 536 -17.72 -8.80 15.16
N TRP B 537 -18.92 -8.89 14.65
CA TRP B 537 -19.73 -10.07 14.98
C TRP B 537 -19.79 -11.01 13.80
N LEU B 538 -19.88 -12.31 14.04
CA LEU B 538 -19.99 -13.27 12.94
C LEU B 538 -21.27 -14.11 13.11
N THR B 539 -21.49 -14.76 14.23
CA THR B 539 -22.65 -15.63 14.40
C THR B 539 -23.96 -14.87 14.44
N LYS B 540 -25.03 -15.58 14.04
CA LYS B 540 -26.39 -15.08 14.01
C LYS B 540 -26.81 -14.53 15.35
N GLN B 541 -26.56 -15.29 16.41
CA GLN B 541 -26.89 -14.92 17.78
C GLN B 541 -26.27 -13.56 18.08
N ASP B 542 -24.95 -13.46 17.88
CA ASP B 542 -24.28 -12.19 18.16
C ASP B 542 -24.81 -11.06 17.32
N VAL B 543 -25.12 -11.27 16.05
CA VAL B 543 -25.67 -10.20 15.22
C VAL B 543 -27.02 -9.79 15.79
N GLU B 544 -27.92 -10.72 16.08
CA GLU B 544 -29.26 -10.44 16.59
C GLU B 544 -29.21 -9.70 17.91
N ALA B 545 -28.28 -10.15 18.77
CA ALA B 545 -28.08 -9.51 20.07
C ALA B 545 -27.61 -8.07 19.95
N HIS B 546 -26.96 -7.66 18.89
CA HIS B 546 -26.44 -6.32 18.82
C HIS B 546 -27.10 -5.52 17.73
N LYS B 547 -28.25 -5.98 17.27
CA LYS B 547 -28.91 -5.39 16.12
C LYS B 547 -29.44 -4.00 16.44
N GLU B 548 -29.33 -3.02 15.55
CA GLU B 548 -29.92 -1.74 15.82
C GLU B 548 -31.09 -1.53 14.83
N SER B 549 -31.09 -2.26 13.72
CA SER B 549 -32.17 -2.14 12.75
C SER B 549 -32.10 -3.32 11.77
N GLN B 550 -33.20 -3.45 11.04
CA GLN B 550 -33.40 -4.55 10.10
C GLN B 550 -34.20 -4.10 8.90
N GLU B 551 -33.90 -4.60 7.70
CA GLU B 551 -34.60 -4.21 6.49
C GLU B 551 -34.73 -5.48 5.69
N VAL B 552 -35.90 -5.80 5.16
CA VAL B 552 -36.01 -7.06 4.40
C VAL B 552 -36.41 -6.71 2.99
N LEU B 553 -35.81 -7.33 1.99
CA LEU B 553 -36.15 -7.04 0.58
C LEU B 553 -36.71 -8.33 -0.03
N HIS B 554 -37.53 -8.17 -1.06
CA HIS B 554 -38.06 -9.39 -1.74
C HIS B 554 -37.80 -9.15 -3.21
N VAL B 555 -36.83 -9.84 -3.80
CA VAL B 555 -36.45 -9.55 -5.18
C VAL B 555 -36.24 -10.82 -5.97
N GLN B 556 -36.58 -10.71 -7.26
CA GLN B 556 -36.37 -11.84 -8.16
C GLN B 556 -35.61 -11.42 -9.40
N ARG B 557 -34.55 -12.15 -9.72
CA ARG B 557 -33.69 -11.78 -10.84
C ARG B 557 -34.45 -11.86 -12.15
CA CA C . 11.37 -4.33 -13.82
C1 MNP D . 1.00 0.11 0.79
C2 MNP D . -0.32 0.04 0.01
C1' MNP D . -0.92 -1.32 -0.13
C2' MNP D . -1.44 -1.85 1.02
C3' MNP D . -2.00 -3.09 0.88
N3' MNP D . -2.61 -3.70 2.00
O3' MNP D . -3.09 -4.92 1.45
O4' MNP D . -2.70 -3.26 3.31
C4' MNP D . -2.12 -3.85 -0.27
C5' MNP D . -1.63 -3.28 -1.40
C6' MNP D . -1.00 -2.03 -1.32
O1 MNP D . 1.83 0.87 0.35
O2 MNP D . 1.40 -0.53 1.73
#